data_2PQM
#
_entry.id   2PQM
#
_cell.length_a   80.316
_cell.length_b   80.316
_cell.length_c   112.224
_cell.angle_alpha   90.000
_cell.angle_beta   90.000
_cell.angle_gamma   90.000
#
_symmetry.space_group_name_H-M   'P 41'
#
loop_
_entity.id
_entity.type
_entity.pdbx_description
1 polymer 'Cysteine synthase'
2 non-polymer 'SULFATE ION'
3 non-polymer "PYRIDOXAL-5'-PHOSPHATE"
4 water water
#
_entity_poly.entity_id   1
_entity_poly.type   'polypeptide(L)'
_entity_poly.pdbx_seq_one_letter_code
;MEQISISSPRKRIYHNILETIGGTPLVELHGVTEHPRIKKGTRILVKLEYFNPMSSVKDRVGFNIVYQAIKDGRLKPGME
IIESTSGNTGIALCQAGAVFGYRVNIAMPSTMSVERQMIMKAFGAELILTEGKKGMPGAIEEVNKMIKENPGKYFVANQF
GNPDNTAAHHYTANEIWEDTDGEVDIVVSAVGTSGTVIGVAEKLKEKKKGIKIIAVEPEESAVLEGKAKGPHGIQGIGAG
FIPDIYKKEFVDEIIPIKTQDAWKMARAVVKYDGIMCGMSSGAAILAGLKEAEKPENEGKTIVIIVPSCGERYLSTDLYK
IKDEGTKIQILDSLLNEHHHHHH
;
_entity_poly.pdbx_strand_id   A,B
#
# COMPACT_ATOMS: atom_id res chain seq x y z
N GLU A 2 11.48 4.48 -23.71
CA GLU A 2 10.36 3.63 -24.20
C GLU A 2 8.96 4.14 -23.81
N GLN A 3 7.94 3.60 -24.47
CA GLN A 3 6.56 3.81 -24.08
C GLN A 3 6.41 3.19 -22.68
N ILE A 4 5.89 3.97 -21.74
CA ILE A 4 5.56 3.47 -20.41
C ILE A 4 4.05 3.27 -20.39
N SER A 5 3.62 2.04 -20.12
CA SER A 5 2.20 1.72 -20.08
C SER A 5 1.78 1.35 -18.68
N ILE A 6 0.73 1.99 -18.17
CA ILE A 6 0.23 1.65 -16.85
C ILE A 6 -0.65 0.40 -16.89
N SER A 7 -1.11 -0.06 -15.73
CA SER A 7 -1.84 -1.32 -15.63
C SER A 7 -3.22 -1.23 -16.27
N SER A 8 -3.62 -2.34 -16.90
CA SER A 8 -4.96 -2.51 -17.45
C SER A 8 -5.98 -2.80 -16.35
N PRO A 9 -7.28 -2.63 -16.66
CA PRO A 9 -8.32 -3.01 -15.71
C PRO A 9 -8.23 -4.48 -15.31
N ARG A 10 -8.53 -4.73 -14.04
CA ARG A 10 -8.56 -6.10 -13.52
C ARG A 10 -9.66 -6.95 -14.16
N LYS A 11 -10.72 -6.30 -14.65
CA LYS A 11 -11.88 -7.03 -15.22
C LYS A 11 -12.50 -8.02 -14.21
N ARG A 12 -12.69 -7.57 -12.98
CA ARG A 12 -13.20 -8.40 -11.87
C ARG A 12 -13.85 -7.44 -10.89
N ILE A 13 -14.95 -7.89 -10.26
CA ILE A 13 -15.45 -7.25 -9.06
C ILE A 13 -15.23 -8.22 -7.90
N TYR A 14 -14.50 -7.78 -6.90
CA TYR A 14 -14.08 -8.63 -5.80
C TYR A 14 -15.21 -8.63 -4.79
N HIS A 15 -15.54 -9.81 -4.27
CA HIS A 15 -16.65 -9.94 -3.33
C HIS A 15 -16.36 -9.30 -1.97
N ASN A 16 -15.08 -9.24 -1.63
CA ASN A 16 -14.58 -8.64 -0.41
C ASN A 16 -13.06 -8.44 -0.56
N ILE A 17 -12.47 -7.80 0.43
CA ILE A 17 -11.09 -7.37 0.38
C ILE A 17 -10.11 -8.57 0.34
N LEU A 18 -10.54 -9.70 0.88
CA LEU A 18 -9.64 -10.86 0.90
C LEU A 18 -9.38 -11.37 -0.49
N GLU A 19 -10.31 -11.14 -1.43
CA GLU A 19 -10.11 -11.61 -2.78
C GLU A 19 -9.08 -10.82 -3.54
N THR A 20 -8.68 -9.69 -2.97
CA THR A 20 -7.63 -8.86 -3.59
C THR A 20 -6.23 -9.23 -3.11
N ILE A 21 -6.14 -10.22 -2.21
CA ILE A 21 -4.82 -10.68 -1.74
C ILE A 21 -4.16 -11.47 -2.86
N GLY A 22 -2.83 -11.42 -2.91
CA GLY A 22 -2.05 -12.17 -3.89
C GLY A 22 -2.02 -11.51 -5.27
N GLY A 23 -1.53 -12.26 -6.25
CA GLY A 23 -1.33 -11.76 -7.62
C GLY A 23 -0.55 -10.45 -7.60
N THR A 24 0.53 -10.43 -6.83
CA THR A 24 1.34 -9.23 -6.66
C THR A 24 2.31 -9.02 -7.85
N PRO A 25 2.70 -7.76 -8.12
CA PRO A 25 3.47 -7.51 -9.35
C PRO A 25 4.97 -7.81 -9.26
N LEU A 26 5.49 -8.26 -10.40
CA LEU A 26 6.89 -8.57 -10.56
C LEU A 26 7.50 -7.46 -11.41
N VAL A 27 8.44 -6.72 -10.81
CA VAL A 27 8.91 -5.47 -11.40
C VAL A 27 10.43 -5.57 -11.62
N GLU A 28 10.91 -5.16 -12.79
CA GLU A 28 12.34 -5.10 -13.03
C GLU A 28 13.02 -3.98 -12.24
N LEU A 29 14.15 -4.30 -11.62
CA LEU A 29 15.05 -3.27 -11.10
C LEU A 29 15.99 -2.81 -12.21
N HIS A 30 16.32 -1.52 -12.22
CA HIS A 30 17.21 -0.92 -13.22
C HIS A 30 18.28 -0.05 -12.56
N GLY A 31 17.86 0.97 -11.83
CA GLY A 31 18.79 1.90 -11.17
C GLY A 31 19.85 1.23 -10.30
N VAL A 32 19.43 0.33 -9.41
CA VAL A 32 20.41 -0.26 -8.48
C VAL A 32 21.20 -1.42 -9.11
N THR A 33 20.89 -1.74 -10.37
CA THR A 33 21.62 -2.83 -11.04
C THR A 33 22.75 -2.29 -11.92
N GLU A 34 22.93 -0.97 -11.92
CA GLU A 34 23.88 -0.32 -12.84
C GLU A 34 25.27 -0.21 -12.20
N HIS A 35 25.93 -1.37 -12.20
CA HIS A 35 27.28 -1.48 -11.63
C HIS A 35 28.08 -2.38 -12.57
N PRO A 36 29.37 -2.07 -12.78
CA PRO A 36 30.15 -2.86 -13.73
C PRO A 36 30.11 -4.40 -13.53
N ARG A 37 29.97 -4.87 -12.30
CA ARG A 37 30.02 -6.31 -11.99
C ARG A 37 28.71 -7.09 -12.29
N ILE A 38 27.64 -6.35 -12.52
CA ILE A 38 26.36 -6.90 -13.01
C ILE A 38 26.18 -6.83 -14.55
N LYS A 39 26.06 -7.99 -15.20
CA LYS A 39 25.89 -8.04 -16.68
C LYS A 39 24.52 -7.57 -17.20
N LYS A 40 24.53 -6.92 -18.37
CA LYS A 40 23.30 -6.40 -19.01
C LYS A 40 22.21 -7.48 -19.14
N GLY A 41 22.62 -8.71 -19.45
CA GLY A 41 21.66 -9.82 -19.68
C GLY A 41 20.98 -10.46 -18.48
N THR A 42 21.56 -10.32 -17.29
CA THR A 42 20.87 -10.89 -16.14
C THR A 42 19.69 -10.01 -15.68
N ARG A 43 18.58 -10.66 -15.33
CA ARG A 43 17.32 -9.96 -15.11
C ARG A 43 17.00 -10.00 -13.65
N ILE A 44 16.92 -8.83 -13.03
CA ILE A 44 16.72 -8.75 -11.58
C ILE A 44 15.34 -8.15 -11.27
N LEU A 45 14.48 -8.99 -10.69
CA LEU A 45 13.07 -8.65 -10.54
C LEU A 45 12.68 -8.65 -9.09
N VAL A 46 11.81 -7.73 -8.71
CA VAL A 46 11.28 -7.72 -7.34
C VAL A 46 9.78 -8.00 -7.34
N LYS A 47 9.37 -8.88 -6.42
CA LYS A 47 7.94 -9.22 -6.26
C LYS A 47 7.39 -8.41 -5.07
N LEU A 48 6.51 -7.48 -5.37
CA LEU A 48 6.17 -6.43 -4.42
C LEU A 48 4.96 -6.83 -3.57
N GLU A 49 5.23 -7.44 -2.43
CA GLU A 49 4.17 -8.03 -1.59
C GLU A 49 3.39 -6.97 -0.83
N TYR A 50 3.88 -5.73 -0.87
CA TYR A 50 3.09 -4.62 -0.32
C TYR A 50 1.89 -4.20 -1.18
N PHE A 51 1.74 -4.78 -2.39
CA PHE A 51 0.51 -4.61 -3.17
C PHE A 51 -0.69 -5.34 -2.56
N ASN A 52 -0.45 -6.24 -1.62
CA ASN A 52 -1.56 -6.84 -0.81
C ASN A 52 -2.38 -5.74 -0.10
N PRO A 53 -3.67 -6.01 0.20
CA PRO A 53 -4.53 -4.91 0.74
C PRO A 53 -4.06 -4.20 2.02
N MET A 54 -3.36 -4.92 2.90
CA MET A 54 -2.74 -4.27 4.07
C MET A 54 -1.21 -4.13 3.98
N SER A 55 -0.69 -4.17 2.75
CA SER A 55 0.70 -3.74 2.46
C SER A 55 1.83 -4.65 2.97
N SER A 56 1.54 -5.94 3.14
CA SER A 56 2.62 -6.90 3.41
C SER A 56 2.29 -8.30 2.94
N VAL A 57 3.34 -9.11 2.77
CA VAL A 57 3.26 -10.53 2.50
C VAL A 57 2.34 -11.28 3.48
N LYS A 58 2.21 -10.80 4.72
CA LYS A 58 1.45 -11.57 5.74
C LYS A 58 -0.03 -11.60 5.46
N ASP A 59 -0.51 -10.68 4.62
CA ASP A 59 -1.93 -10.79 4.20
C ASP A 59 -2.27 -12.22 3.72
N ARG A 60 -1.37 -12.80 2.92
CA ARG A 60 -1.55 -14.18 2.44
C ARG A 60 -1.65 -15.16 3.60
N VAL A 61 -0.85 -14.92 4.62
CA VAL A 61 -0.70 -15.83 5.77
C VAL A 61 -1.89 -15.73 6.73
N GLY A 62 -2.23 -14.51 7.14
CA GLY A 62 -3.42 -14.27 7.97
C GLY A 62 -4.66 -14.85 7.29
N PHE A 63 -4.78 -14.61 5.98
CA PHE A 63 -5.92 -15.15 5.25
C PHE A 63 -5.93 -16.67 5.23
N ASN A 64 -4.83 -17.28 4.80
CA ASN A 64 -4.88 -18.75 4.63
C ASN A 64 -4.99 -19.50 5.96
N ILE A 65 -4.35 -18.97 7.00
CA ILE A 65 -4.46 -19.55 8.34
C ILE A 65 -5.93 -19.58 8.80
N VAL A 66 -6.60 -18.44 8.68
CA VAL A 66 -8.00 -18.32 9.12
C VAL A 66 -8.94 -19.13 8.20
N TYR A 67 -8.79 -18.97 6.90
CA TYR A 67 -9.61 -19.69 5.93
C TYR A 67 -9.50 -21.23 6.04
N GLN A 68 -8.27 -21.72 6.10
CA GLN A 68 -8.07 -23.15 6.18
C GLN A 68 -8.61 -23.70 7.51
N ALA A 69 -8.48 -22.92 8.58
CA ALA A 69 -9.03 -23.32 9.89
C ALA A 69 -10.58 -23.37 9.87
N ILE A 70 -11.21 -22.39 9.24
CA ILE A 70 -12.66 -22.42 9.05
C ILE A 70 -13.07 -23.65 8.22
N LYS A 71 -12.36 -23.92 7.14
CA LYS A 71 -12.70 -25.04 6.25
C LYS A 71 -12.58 -26.40 6.94
N ASP A 72 -11.53 -26.53 7.77
CA ASP A 72 -11.20 -27.75 8.56
C ASP A 72 -12.05 -27.98 9.79
N GLY A 73 -12.63 -26.90 10.30
CA GLY A 73 -13.32 -26.94 11.61
C GLY A 73 -12.46 -26.60 12.83
N ARG A 74 -11.20 -26.21 12.63
CA ARG A 74 -10.40 -25.72 13.77
C ARG A 74 -10.86 -24.36 14.26
N LEU A 75 -11.46 -23.57 13.37
CA LEU A 75 -12.12 -22.34 13.77
C LEU A 75 -13.61 -22.47 13.50
N LYS A 76 -14.42 -22.27 14.55
CA LYS A 76 -15.90 -22.32 14.42
C LYS A 76 -16.58 -21.20 15.22
N PRO A 77 -17.82 -20.83 14.82
CA PRO A 77 -18.55 -19.77 15.51
C PRO A 77 -18.51 -19.92 17.02
N GLY A 78 -18.27 -18.82 17.73
CA GLY A 78 -18.08 -18.84 19.17
C GLY A 78 -16.64 -18.69 19.60
N MET A 79 -15.72 -19.25 18.81
CA MET A 79 -14.30 -19.16 19.08
C MET A 79 -13.75 -17.81 18.68
N GLU A 80 -12.60 -17.46 19.24
CA GLU A 80 -11.89 -16.24 18.88
C GLU A 80 -10.48 -16.59 18.42
N ILE A 81 -9.95 -15.74 17.55
CA ILE A 81 -8.59 -15.88 17.09
C ILE A 81 -7.63 -15.22 18.10
N ILE A 82 -6.47 -15.84 18.30
CA ILE A 82 -5.42 -15.22 19.13
C ILE A 82 -4.04 -15.44 18.53
N GLU A 83 -3.14 -14.49 18.73
CA GLU A 83 -1.73 -14.64 18.34
C GLU A 83 -0.85 -13.64 19.08
N SER A 84 0.36 -14.04 19.44
CA SER A 84 1.26 -13.04 19.94
C SER A 84 2.16 -12.58 18.81
N THR A 85 2.01 -11.31 18.46
CA THR A 85 2.66 -10.73 17.29
C THR A 85 2.56 -9.22 17.39
N SER A 86 3.64 -8.54 17.07
CA SER A 86 3.63 -7.07 17.06
C SER A 86 3.92 -6.60 15.64
N GLY A 87 3.93 -7.55 14.71
CA GLY A 87 4.21 -7.24 13.30
C GLY A 87 3.01 -7.35 12.37
N ASN A 88 3.35 -7.58 11.11
CA ASN A 88 2.40 -7.64 10.02
C ASN A 88 1.38 -8.77 10.17
N THR A 89 1.78 -9.86 10.80
CA THR A 89 0.84 -11.00 10.93
C THR A 89 -0.39 -10.55 11.73
N GLY A 90 -0.16 -9.74 12.78
CA GLY A 90 -1.28 -9.18 13.58
C GLY A 90 -2.28 -8.49 12.66
N ILE A 91 -1.76 -7.59 11.83
CA ILE A 91 -2.63 -6.84 10.88
C ILE A 91 -3.41 -7.79 9.96
N ALA A 92 -2.72 -8.78 9.43
CA ALA A 92 -3.31 -9.71 8.46
C ALA A 92 -4.41 -10.56 9.08
N LEU A 93 -4.22 -10.94 10.35
CA LEU A 93 -5.23 -11.68 11.14
C LEU A 93 -6.45 -10.77 11.38
N CYS A 94 -6.21 -9.51 11.76
CA CYS A 94 -7.29 -8.55 11.97
C CYS A 94 -8.16 -8.36 10.72
N GLN A 95 -7.50 -8.22 9.58
CA GLN A 95 -8.22 -8.08 8.30
C GLN A 95 -9.07 -9.32 8.01
N ALA A 96 -8.46 -10.50 8.10
CA ALA A 96 -9.20 -11.77 7.91
C ALA A 96 -10.37 -11.91 8.90
N GLY A 97 -10.09 -11.66 10.17
CA GLY A 97 -11.12 -11.71 11.22
C GLY A 97 -12.31 -10.78 10.98
N ALA A 98 -12.02 -9.56 10.58
CA ALA A 98 -13.05 -8.57 10.22
C ALA A 98 -14.00 -9.07 9.13
N VAL A 99 -13.45 -9.69 8.09
CA VAL A 99 -14.25 -10.14 6.95
C VAL A 99 -15.03 -11.42 7.31
N PHE A 100 -14.34 -12.38 7.95
CA PHE A 100 -14.96 -13.66 8.32
C PHE A 100 -15.94 -13.52 9.49
N GLY A 101 -15.82 -12.44 10.25
CA GLY A 101 -16.69 -12.18 11.41
C GLY A 101 -16.26 -12.87 12.70
N TYR A 102 -14.95 -13.00 12.89
CA TYR A 102 -14.35 -13.53 14.15
C TYR A 102 -13.58 -12.48 14.93
N ARG A 103 -13.71 -12.51 16.26
CA ARG A 103 -12.93 -11.63 17.11
C ARG A 103 -11.46 -12.04 17.05
N VAL A 104 -10.58 -11.04 17.06
CA VAL A 104 -9.14 -11.26 16.99
C VAL A 104 -8.48 -10.62 18.21
N ASN A 105 -7.66 -11.43 18.88
CA ASN A 105 -6.96 -11.00 20.08
C ASN A 105 -5.48 -10.99 19.76
N ILE A 106 -4.85 -9.84 19.84
CA ILE A 106 -3.43 -9.76 19.52
C ILE A 106 -2.61 -9.36 20.75
N ALA A 107 -1.61 -10.18 21.09
CA ALA A 107 -0.74 -9.92 22.25
C ALA A 107 0.62 -9.41 21.82
N MET A 108 1.08 -8.35 22.46
CA MET A 108 2.40 -7.75 22.18
C MET A 108 2.83 -6.87 23.36
N PRO A 109 4.15 -6.63 23.49
CA PRO A 109 4.64 -5.76 24.57
C PRO A 109 4.10 -4.34 24.40
N SER A 110 3.64 -3.76 25.49
CA SER A 110 2.91 -2.49 25.48
C SER A 110 3.68 -1.38 24.79
N THR A 111 5.01 -1.52 24.73
CA THR A 111 5.89 -0.49 24.18
C THR A 111 6.23 -0.70 22.71
N MET A 112 5.79 -1.81 22.13
CA MET A 112 6.23 -2.23 20.79
C MET A 112 5.21 -1.80 19.73
N SER A 113 5.72 -1.23 18.64
CA SER A 113 4.93 -0.71 17.50
C SER A 113 3.53 -0.16 17.84
N VAL A 114 3.52 1.01 18.47
CA VAL A 114 2.25 1.71 18.80
C VAL A 114 1.42 2.07 17.55
N GLU A 115 2.11 2.38 16.44
CA GLU A 115 1.36 2.65 15.20
C GLU A 115 0.59 1.41 14.76
N ARG A 116 1.22 0.23 14.76
CA ARG A 116 0.43 -0.92 14.33
C ARG A 116 -0.55 -1.47 15.38
N GLN A 117 -0.32 -1.13 16.64
CA GLN A 117 -1.37 -1.22 17.67
C GLN A 117 -2.64 -0.46 17.27
N MET A 118 -2.45 0.77 16.83
CA MET A 118 -3.53 1.61 16.34
C MET A 118 -4.23 0.97 15.15
N ILE A 119 -3.44 0.51 14.17
CA ILE A 119 -3.99 -0.19 13.01
C ILE A 119 -4.87 -1.38 13.47
N MET A 120 -4.39 -2.18 14.40
CA MET A 120 -5.14 -3.36 14.83
C MET A 120 -6.44 -3.05 15.54
N LYS A 121 -6.38 -2.07 16.44
CA LYS A 121 -7.58 -1.62 17.11
C LYS A 121 -8.60 -1.03 16.13
N ALA A 122 -8.13 -0.42 15.04
CA ALA A 122 -9.04 0.11 14.02
C ALA A 122 -9.91 -1.01 13.43
N PHE A 123 -9.28 -2.19 13.28
CA PHE A 123 -9.92 -3.37 12.72
C PHE A 123 -10.80 -4.09 13.75
N GLY A 124 -10.86 -3.55 14.96
CA GLY A 124 -11.73 -4.12 16.01
C GLY A 124 -11.06 -5.17 16.88
N ALA A 125 -9.76 -5.28 16.77
CA ALA A 125 -8.98 -6.27 17.54
C ALA A 125 -8.96 -5.91 19.03
N GLU A 126 -8.90 -6.95 19.87
CA GLU A 126 -8.64 -6.78 21.30
C GLU A 126 -7.13 -6.88 21.48
N LEU A 127 -6.50 -5.83 22.00
CA LEU A 127 -5.07 -5.85 22.25
C LEU A 127 -4.76 -6.29 23.67
N ILE A 128 -3.86 -7.25 23.76
CA ILE A 128 -3.37 -7.79 25.03
C ILE A 128 -1.97 -7.19 25.19
N LEU A 129 -1.87 -6.09 25.92
CA LEU A 129 -0.58 -5.41 26.01
C LEU A 129 0.18 -5.91 27.23
N THR A 130 1.34 -6.53 26.98
CA THR A 130 2.11 -7.19 28.03
C THR A 130 3.30 -6.33 28.47
N GLU A 131 3.98 -6.73 29.54
CA GLU A 131 5.08 -5.95 30.10
C GLU A 131 6.21 -5.68 29.11
N GLY A 132 6.50 -4.39 28.88
CA GLY A 132 7.50 -3.99 27.91
C GLY A 132 8.83 -4.70 28.04
N LYS A 133 9.36 -4.74 29.27
CA LYS A 133 10.69 -5.34 29.55
C LYS A 133 10.78 -6.82 29.19
N LYS A 134 9.64 -7.51 29.19
CA LYS A 134 9.59 -8.94 28.94
C LYS A 134 9.63 -9.28 27.45
N GLY A 135 9.32 -8.29 26.61
CA GLY A 135 9.41 -8.46 25.14
C GLY A 135 8.37 -9.44 24.63
N MET A 136 8.64 -10.04 23.47
CA MET A 136 7.75 -11.06 22.90
C MET A 136 7.52 -12.31 23.77
N PRO A 137 8.59 -12.83 24.44
CA PRO A 137 8.33 -13.91 25.42
C PRO A 137 7.21 -13.60 26.44
N GLY A 138 7.12 -12.36 26.89
CA GLY A 138 6.03 -11.96 27.78
C GLY A 138 4.66 -12.07 27.12
N ALA A 139 4.60 -11.68 25.85
CA ALA A 139 3.35 -11.78 25.07
C ALA A 139 2.93 -13.23 24.83
N ILE A 140 3.90 -14.09 24.51
CA ILE A 140 3.68 -15.52 24.29
C ILE A 140 3.23 -16.16 25.60
N GLU A 141 3.85 -15.75 26.69
CA GLU A 141 3.47 -16.21 28.04
C GLU A 141 1.99 -15.91 28.35
N GLU A 142 1.55 -14.70 28.05
CA GLU A 142 0.16 -14.33 28.29
C GLU A 142 -0.81 -15.09 27.41
N VAL A 143 -0.50 -15.24 26.12
CA VAL A 143 -1.31 -16.06 25.24
C VAL A 143 -1.40 -17.50 25.77
N ASN A 144 -0.26 -18.04 26.21
CA ASN A 144 -0.26 -19.36 26.85
C ASN A 144 -1.19 -19.44 28.08
N LYS A 145 -1.13 -18.44 28.93
CA LYS A 145 -2.02 -18.36 30.10
C LYS A 145 -3.48 -18.32 29.67
N MET A 146 -3.81 -17.44 28.72
CA MET A 146 -5.18 -17.33 28.26
C MET A 146 -5.76 -18.61 27.65
N ILE A 147 -4.99 -19.33 26.84
CA ILE A 147 -5.50 -20.54 26.23
C ILE A 147 -5.62 -21.71 27.23
N LYS A 148 -4.71 -21.73 28.20
CA LYS A 148 -4.71 -22.71 29.30
C LYS A 148 -5.96 -22.54 30.18
N GLU A 149 -6.30 -21.30 30.51
CA GLU A 149 -7.46 -21.03 31.35
C GLU A 149 -8.79 -21.15 30.61
N ASN A 150 -8.76 -20.92 29.31
CA ASN A 150 -9.97 -20.95 28.49
C ASN A 150 -9.90 -22.02 27.39
N PRO A 151 -9.80 -23.33 27.78
CA PRO A 151 -9.71 -24.42 26.81
C PRO A 151 -10.86 -24.41 25.81
N GLY A 152 -10.53 -24.50 24.52
CA GLY A 152 -11.56 -24.53 23.48
C GLY A 152 -12.04 -23.19 22.96
N LYS A 153 -11.70 -22.11 23.66
CA LYS A 153 -12.19 -20.78 23.29
C LYS A 153 -11.41 -20.18 22.12
N TYR A 154 -10.10 -20.38 22.13
CA TYR A 154 -9.22 -19.69 21.19
C TYR A 154 -8.68 -20.58 20.10
N PHE A 155 -8.59 -20.01 18.89
CA PHE A 155 -7.77 -20.58 17.85
C PHE A 155 -6.47 -19.80 17.75
N VAL A 156 -5.33 -20.49 17.95
CA VAL A 156 -4.01 -19.85 17.93
C VAL A 156 -3.48 -19.90 16.48
N ALA A 157 -3.16 -18.74 15.91
CA ALA A 157 -2.61 -18.74 14.55
C ALA A 157 -1.28 -19.51 14.41
N ASN A 158 -0.41 -19.38 15.41
CA ASN A 158 0.87 -20.10 15.46
C ASN A 158 1.69 -19.93 14.16
N GLN A 159 1.99 -18.70 13.79
CA GLN A 159 2.61 -18.43 12.49
C GLN A 159 3.92 -19.18 12.16
N PHE A 160 4.73 -19.48 13.19
CA PHE A 160 6.01 -20.13 13.02
C PHE A 160 5.89 -21.65 12.89
N GLY A 161 4.75 -22.21 13.26
CA GLY A 161 4.55 -23.67 13.15
C GLY A 161 3.38 -24.16 12.30
N ASN A 162 2.65 -23.24 11.67
CA ASN A 162 1.40 -23.58 10.96
C ASN A 162 1.64 -23.86 9.48
N PRO A 163 1.40 -25.12 9.03
CA PRO A 163 1.62 -25.52 7.61
C PRO A 163 0.77 -24.66 6.65
N ASP A 164 -0.26 -24.00 7.15
CA ASP A 164 -1.11 -23.16 6.30
C ASP A 164 -0.42 -21.86 5.89
N ASN A 165 0.63 -21.50 6.65
CA ASN A 165 1.51 -20.38 6.31
C ASN A 165 2.31 -20.76 5.03
N THR A 166 3.13 -21.81 5.13
CA THR A 166 3.87 -22.35 4.00
C THR A 166 2.97 -22.56 2.77
N ALA A 167 1.81 -23.18 3.01
CA ALA A 167 0.87 -23.51 1.90
C ALA A 167 0.40 -22.30 1.10
N ALA A 168 0.24 -21.17 1.78
CA ALA A 168 -0.22 -19.93 1.14
C ALA A 168 0.76 -19.54 0.04
N HIS A 169 2.03 -19.91 0.23
CA HIS A 169 3.08 -19.52 -0.72
C HIS A 169 3.22 -20.39 -1.96
N HIS A 170 2.41 -21.44 -2.05
CA HIS A 170 2.29 -22.13 -3.35
C HIS A 170 1.68 -21.18 -4.40
N TYR A 171 0.81 -20.27 -3.95
CA TYR A 171 0.24 -19.22 -4.85
C TYR A 171 1.34 -18.23 -5.26
N THR A 172 2.14 -17.81 -4.29
CA THR A 172 3.27 -16.93 -4.55
C THR A 172 4.17 -17.59 -5.59
N ALA A 173 4.40 -18.88 -5.43
CA ALA A 173 5.21 -19.67 -6.36
C ALA A 173 4.59 -19.73 -7.76
N ASN A 174 3.30 -20.06 -7.84
CA ASN A 174 2.60 -20.05 -9.13
C ASN A 174 2.68 -18.68 -9.86
N GLU A 175 2.52 -17.60 -9.09
CA GLU A 175 2.67 -16.26 -9.67
C GLU A 175 4.06 -16.01 -10.22
N ILE A 176 5.11 -16.39 -9.49
CA ILE A 176 6.48 -16.26 -9.98
C ILE A 176 6.64 -17.06 -11.29
N TRP A 177 6.16 -18.30 -11.26
CA TRP A 177 6.23 -19.20 -12.41
C TRP A 177 5.52 -18.63 -13.64
N GLU A 178 4.24 -18.27 -13.49
CA GLU A 178 3.48 -17.67 -14.61
C GLU A 178 4.02 -16.32 -15.07
N ASP A 179 4.37 -15.45 -14.12
CA ASP A 179 4.84 -14.11 -14.53
C ASP A 179 6.14 -14.14 -15.30
N THR A 180 7.01 -15.10 -14.98
CA THR A 180 8.31 -15.23 -15.69
C THR A 180 8.25 -16.15 -16.91
N ASP A 181 7.06 -16.67 -17.24
CA ASP A 181 6.89 -17.68 -18.29
C ASP A 181 7.87 -18.86 -18.07
N GLY A 182 7.97 -19.30 -16.81
CA GLY A 182 8.87 -20.40 -16.46
C GLY A 182 10.36 -20.12 -16.52
N GLU A 183 10.74 -18.85 -16.71
CA GLU A 183 12.15 -18.46 -16.85
C GLU A 183 12.88 -18.22 -15.53
N VAL A 184 12.14 -18.12 -14.45
CA VAL A 184 12.78 -17.87 -13.15
C VAL A 184 13.92 -18.89 -12.89
N ASP A 185 15.05 -18.37 -12.43
CA ASP A 185 16.25 -19.19 -12.18
C ASP A 185 16.66 -19.21 -10.72
N ILE A 186 16.38 -18.12 -9.99
CA ILE A 186 16.83 -17.95 -8.62
C ILE A 186 15.71 -17.20 -7.88
N VAL A 187 15.40 -17.63 -6.67
CA VAL A 187 14.43 -16.88 -5.83
C VAL A 187 15.15 -16.53 -4.56
N VAL A 188 15.08 -15.26 -4.16
CA VAL A 188 15.76 -14.76 -2.96
C VAL A 188 14.68 -14.34 -1.95
N SER A 189 14.71 -14.90 -0.75
CA SER A 189 13.70 -14.57 0.27
C SER A 189 14.34 -14.39 1.62
N ALA A 190 14.15 -13.20 2.22
CA ALA A 190 14.54 -12.95 3.62
C ALA A 190 13.59 -13.67 4.57
N VAL A 191 14.15 -14.35 5.57
CA VAL A 191 13.38 -15.31 6.32
C VAL A 191 12.92 -14.78 7.69
N GLY A 192 11.60 -14.77 7.90
CA GLY A 192 10.97 -14.49 9.21
C GLY A 192 10.43 -15.82 9.74
N THR A 193 9.19 -16.15 9.36
CA THR A 193 8.58 -17.46 9.64
C THR A 193 9.14 -18.59 8.76
N SER A 194 9.70 -18.18 7.60
CA SER A 194 10.11 -19.06 6.49
C SER A 194 8.95 -19.58 5.64
N GLY A 195 7.71 -19.17 5.89
CA GLY A 195 6.59 -19.54 5.01
C GLY A 195 6.93 -19.28 3.53
N THR A 196 7.47 -18.09 3.25
CA THR A 196 7.69 -17.69 1.85
C THR A 196 8.77 -18.55 1.18
N VAL A 197 9.95 -18.63 1.76
CA VAL A 197 11.05 -19.33 1.08
C VAL A 197 10.72 -20.83 0.92
N ILE A 198 10.13 -21.43 1.93
CA ILE A 198 9.79 -22.88 1.85
C ILE A 198 8.61 -23.15 0.91
N GLY A 199 7.52 -22.41 1.07
CA GLY A 199 6.32 -22.58 0.23
C GLY A 199 6.63 -22.34 -1.24
N VAL A 200 7.37 -21.27 -1.52
CA VAL A 200 7.83 -21.05 -2.90
C VAL A 200 8.71 -22.22 -3.41
N ALA A 201 9.71 -22.62 -2.63
CA ALA A 201 10.61 -23.71 -3.02
C ALA A 201 9.83 -25.01 -3.31
N GLU A 202 8.95 -25.41 -2.39
CA GLU A 202 8.13 -26.64 -2.54
C GLU A 202 7.49 -26.69 -3.93
N LYS A 203 6.84 -25.59 -4.31
CA LYS A 203 6.09 -25.56 -5.55
C LYS A 203 6.98 -25.36 -6.78
N LEU A 204 7.96 -24.45 -6.70
CA LEU A 204 8.86 -24.23 -7.86
C LEU A 204 9.76 -25.42 -8.22
N LYS A 205 10.27 -26.11 -7.19
CA LYS A 205 11.11 -27.31 -7.40
C LYS A 205 10.34 -28.43 -8.12
N GLU A 206 9.01 -28.35 -8.09
CA GLU A 206 8.12 -29.20 -8.90
C GLU A 206 8.08 -28.81 -10.37
N LYS A 207 8.32 -27.54 -10.68
CA LYS A 207 8.16 -27.01 -12.04
C LYS A 207 9.34 -27.33 -12.92
N LYS A 208 10.54 -27.14 -12.40
CA LYS A 208 11.76 -27.44 -13.18
C LYS A 208 12.95 -27.67 -12.27
N LYS A 209 13.89 -28.46 -12.76
CA LYS A 209 15.13 -28.71 -12.06
C LYS A 209 16.00 -27.47 -12.21
N GLY A 210 16.72 -27.11 -11.16
CA GLY A 210 17.76 -26.09 -11.26
C GLY A 210 17.38 -24.68 -10.81
N ILE A 211 16.26 -24.53 -10.13
CA ILE A 211 15.88 -23.22 -9.56
C ILE A 211 16.55 -23.11 -8.20
N LYS A 212 17.42 -22.13 -8.06
CA LYS A 212 18.19 -21.96 -6.83
C LYS A 212 17.38 -21.16 -5.81
N ILE A 213 17.24 -21.70 -4.62
CA ILE A 213 16.45 -21.07 -3.59
C ILE A 213 17.40 -20.48 -2.54
N ILE A 214 17.33 -19.16 -2.35
CA ILE A 214 18.25 -18.51 -1.42
C ILE A 214 17.48 -17.87 -0.24
N ALA A 215 17.81 -18.29 0.97
CA ALA A 215 17.31 -17.66 2.21
C ALA A 215 18.26 -16.55 2.64
N VAL A 216 17.71 -15.50 3.24
CA VAL A 216 18.51 -14.34 3.69
C VAL A 216 18.21 -14.10 5.17
N GLU A 217 19.25 -13.86 5.98
CA GLU A 217 19.07 -13.63 7.41
C GLU A 217 20.08 -12.60 7.90
N PRO A 218 19.85 -12.02 9.09
CA PRO A 218 20.79 -11.00 9.57
C PRO A 218 22.14 -11.61 9.93
N GLU A 219 23.22 -10.93 9.54
CA GLU A 219 24.59 -11.37 9.86
C GLU A 219 24.74 -11.53 11.38
N GLU A 220 24.00 -10.70 12.12
CA GLU A 220 24.09 -10.62 13.58
C GLU A 220 23.31 -11.72 14.28
N SER A 221 22.50 -12.46 13.53
CA SER A 221 21.63 -13.47 14.13
C SER A 221 21.44 -14.58 13.12
N ALA A 222 22.57 -15.17 12.71
CA ALA A 222 22.61 -16.13 11.61
C ALA A 222 22.26 -17.55 12.06
N VAL A 223 21.05 -17.70 12.59
CA VAL A 223 20.62 -18.94 13.21
C VAL A 223 20.35 -20.08 12.18
N LEU A 224 19.93 -19.71 10.96
CA LEU A 224 19.78 -20.74 9.91
C LEU A 224 21.12 -21.38 9.49
N GLU A 225 22.19 -20.59 9.53
CA GLU A 225 23.55 -21.03 9.23
C GLU A 225 24.21 -21.69 10.45
N GLY A 226 23.46 -21.79 11.54
CA GLY A 226 23.95 -22.45 12.73
C GLY A 226 24.73 -21.56 13.68
N LYS A 227 24.71 -20.25 13.45
CA LYS A 227 25.31 -19.31 14.42
C LYS A 227 24.30 -18.98 15.51
N ALA A 228 24.77 -18.26 16.53
CA ALA A 228 23.95 -17.92 17.68
C ALA A 228 23.04 -16.73 17.40
N LYS A 229 21.85 -16.74 17.99
CA LYS A 229 20.94 -15.58 18.05
C LYS A 229 21.69 -14.34 18.51
N GLY A 230 21.31 -13.17 17.99
CA GLY A 230 21.92 -11.92 18.41
C GLY A 230 21.07 -10.72 18.05
N PRO A 231 21.36 -9.55 18.65
CA PRO A 231 20.61 -8.33 18.33
C PRO A 231 20.87 -7.83 16.91
N HIS A 232 19.79 -7.46 16.22
CA HIS A 232 19.92 -6.92 14.87
C HIS A 232 18.77 -5.95 14.63
N GLY A 233 18.87 -5.18 13.55
CA GLY A 233 17.89 -4.14 13.25
C GLY A 233 17.06 -4.35 11.98
N ILE A 234 17.05 -5.58 11.45
CA ILE A 234 16.28 -5.86 10.23
C ILE A 234 14.89 -6.36 10.60
N GLN A 235 13.98 -5.41 10.83
CA GLN A 235 12.63 -5.75 11.26
C GLN A 235 11.98 -6.73 10.30
N GLY A 236 11.27 -7.71 10.86
CA GLY A 236 10.47 -8.68 10.11
C GLY A 236 11.20 -9.98 9.83
N ILE A 237 12.52 -9.98 10.05
CA ILE A 237 13.28 -11.22 9.90
C ILE A 237 14.14 -11.47 11.14
N GLY A 238 14.95 -12.52 11.09
CA GLY A 238 15.87 -12.85 12.19
C GLY A 238 15.11 -13.11 13.48
N ALA A 239 14.28 -14.15 13.48
CA ALA A 239 13.46 -14.48 14.63
C ALA A 239 14.32 -14.94 15.83
N GLY A 240 15.52 -15.41 15.55
CA GLY A 240 16.44 -15.91 16.61
C GLY A 240 16.37 -17.39 16.87
N PHE A 241 15.56 -18.09 16.08
CA PHE A 241 15.39 -19.52 16.17
C PHE A 241 15.04 -20.04 14.78
N ILE A 242 15.13 -21.35 14.59
CA ILE A 242 14.75 -21.94 13.33
C ILE A 242 13.25 -22.29 13.43
N PRO A 243 12.42 -21.66 12.57
CA PRO A 243 10.98 -21.93 12.73
C PRO A 243 10.67 -23.41 12.45
N ASP A 244 9.66 -23.94 13.13
CA ASP A 244 9.16 -25.30 12.91
C ASP A 244 8.75 -25.61 11.45
N ILE A 245 8.31 -24.61 10.69
CA ILE A 245 7.93 -24.81 9.29
C ILE A 245 9.14 -24.72 8.31
N TYR A 246 10.33 -24.42 8.82
CA TYR A 246 11.54 -24.36 8.00
C TYR A 246 11.98 -25.77 7.55
N LYS A 247 12.25 -25.91 6.26
CA LYS A 247 12.73 -27.18 5.71
C LYS A 247 14.03 -26.96 4.95
N LYS A 248 15.15 -27.22 5.63
CA LYS A 248 16.48 -26.93 5.09
C LYS A 248 16.77 -27.58 3.74
N GLU A 249 16.12 -28.71 3.46
CA GLU A 249 16.34 -29.46 2.20
C GLU A 249 15.95 -28.62 0.98
N PHE A 250 14.99 -27.71 1.18
CA PHE A 250 14.51 -26.87 0.07
C PHE A 250 15.32 -25.62 -0.18
N VAL A 251 16.28 -25.34 0.70
CA VAL A 251 17.08 -24.11 0.62
C VAL A 251 18.50 -24.43 0.10
N ASP A 252 18.88 -23.80 -0.99
CA ASP A 252 20.19 -24.04 -1.60
C ASP A 252 21.35 -23.26 -0.95
N GLU A 253 21.13 -22.02 -0.55
CA GLU A 253 22.20 -21.20 0.02
C GLU A 253 21.53 -20.26 1.03
N ILE A 254 22.27 -19.88 2.06
CA ILE A 254 21.80 -18.87 3.02
C ILE A 254 22.81 -17.72 2.98
N ILE A 255 22.28 -16.50 2.85
CA ILE A 255 23.13 -15.33 2.76
C ILE A 255 22.92 -14.44 3.97
N PRO A 256 23.98 -14.17 4.74
CA PRO A 256 23.86 -13.21 5.84
C PRO A 256 24.07 -11.78 5.34
N ILE A 257 23.26 -10.85 5.85
CA ILE A 257 23.33 -9.45 5.44
C ILE A 257 23.38 -8.59 6.72
N LYS A 258 24.28 -7.62 6.75
CA LYS A 258 24.40 -6.77 7.93
C LYS A 258 23.24 -5.78 7.97
N THR A 259 22.71 -5.54 9.16
CA THR A 259 21.63 -4.58 9.38
C THR A 259 21.83 -3.26 8.63
N GLN A 260 23.00 -2.65 8.83
CA GLN A 260 23.33 -1.37 8.22
C GLN A 260 23.27 -1.40 6.70
N ASP A 261 23.68 -2.53 6.11
CA ASP A 261 23.70 -2.73 4.67
C ASP A 261 22.28 -2.94 4.12
N ALA A 262 21.47 -3.69 4.87
CA ALA A 262 20.03 -3.83 4.55
C ALA A 262 19.35 -2.45 4.47
N TRP A 263 19.58 -1.58 5.46
CA TRP A 263 18.99 -0.25 5.42
C TRP A 263 19.46 0.57 4.24
N LYS A 264 20.78 0.59 4.01
CA LYS A 264 21.37 1.37 2.94
C LYS A 264 20.87 0.91 1.58
N MET A 265 20.69 -0.39 1.42
CA MET A 265 20.15 -0.93 0.18
C MET A 265 18.72 -0.41 -0.05
N ALA A 266 17.91 -0.45 1.00
CA ALA A 266 16.51 0.02 0.91
C ALA A 266 16.47 1.49 0.53
N ARG A 267 17.36 2.28 1.12
CA ARG A 267 17.46 3.71 0.78
C ARG A 267 17.82 3.89 -0.68
N ALA A 268 18.73 3.05 -1.18
CA ALA A 268 19.14 3.12 -2.60
C ALA A 268 18.04 2.72 -3.57
N VAL A 269 17.28 1.69 -3.21
CA VAL A 269 16.19 1.20 -4.06
C VAL A 269 15.11 2.27 -4.24
N VAL A 270 14.75 2.96 -3.18
CA VAL A 270 13.73 4.01 -3.32
C VAL A 270 14.25 5.21 -4.11
N LYS A 271 15.50 5.59 -3.86
CA LYS A 271 16.06 6.77 -4.53
C LYS A 271 16.35 6.53 -6.02
N TYR A 272 16.85 5.34 -6.37
CA TYR A 272 17.28 5.07 -7.77
C TYR A 272 16.31 4.27 -8.60
N ASP A 273 15.42 3.54 -7.94
CA ASP A 273 14.36 2.84 -8.66
C ASP A 273 12.98 3.35 -8.34
N GLY A 274 12.88 4.25 -7.35
CA GLY A 274 11.55 4.78 -6.99
C GLY A 274 10.62 3.75 -6.36
N ILE A 275 11.21 2.70 -5.78
CA ILE A 275 10.45 1.61 -5.15
C ILE A 275 10.66 1.70 -3.64
N MET A 276 9.61 2.00 -2.88
CA MET A 276 9.79 2.22 -1.45
C MET A 276 9.75 0.93 -0.60
N CYS A 277 10.79 0.13 -0.66
CA CYS A 277 10.75 -1.22 -0.03
C CYS A 277 11.13 -1.09 1.45
N GLY A 278 10.81 -2.09 2.25
CA GLY A 278 11.10 -2.03 3.69
C GLY A 278 12.48 -2.56 4.01
N MET A 279 12.75 -2.73 5.30
CA MET A 279 14.10 -3.16 5.74
C MET A 279 14.49 -4.55 5.25
N SER A 280 13.62 -5.51 5.47
CA SER A 280 13.93 -6.89 5.07
C SER A 280 14.11 -6.98 3.53
N SER A 281 13.37 -6.13 2.82
CA SER A 281 13.55 -6.01 1.35
C SER A 281 14.93 -5.53 0.96
N GLY A 282 15.48 -4.57 1.73
CA GLY A 282 16.86 -4.13 1.49
C GLY A 282 17.82 -5.31 1.63
N ALA A 283 17.61 -6.13 2.67
CA ALA A 283 18.42 -7.34 2.83
C ALA A 283 18.31 -8.30 1.62
N ALA A 284 17.07 -8.65 1.24
CA ALA A 284 16.81 -9.57 0.13
C ALA A 284 17.39 -9.00 -1.19
N ILE A 285 17.20 -7.71 -1.43
CA ILE A 285 17.68 -7.10 -2.68
C ILE A 285 19.22 -7.14 -2.75
N LEU A 286 19.85 -6.82 -1.62
CA LEU A 286 21.30 -6.81 -1.59
C LEU A 286 21.83 -8.21 -1.89
N ALA A 287 21.26 -9.23 -1.22
CA ALA A 287 21.60 -10.62 -1.52
C ALA A 287 21.41 -10.96 -3.00
N GLY A 288 20.29 -10.51 -3.56
CA GLY A 288 19.96 -10.69 -4.97
C GLY A 288 20.97 -10.05 -5.91
N LEU A 289 21.36 -8.80 -5.65
CA LEU A 289 22.41 -8.15 -6.44
C LEU A 289 23.77 -8.87 -6.35
N LYS A 290 24.07 -9.41 -5.17
CA LYS A 290 25.29 -10.21 -4.96
C LYS A 290 25.24 -11.47 -5.83
N GLU A 291 24.06 -12.07 -5.96
CA GLU A 291 23.90 -13.20 -6.87
C GLU A 291 24.11 -12.76 -8.30
N ALA A 292 23.54 -11.60 -8.65
CA ALA A 292 23.61 -11.10 -10.01
C ALA A 292 25.04 -10.77 -10.46
N GLU A 293 25.96 -10.58 -9.52
CA GLU A 293 27.33 -10.29 -9.96
C GLU A 293 28.19 -11.54 -10.19
N LYS A 294 27.68 -12.71 -9.79
CA LYS A 294 28.39 -14.00 -9.95
C LYS A 294 28.41 -14.40 -11.42
N PRO A 295 29.59 -14.76 -11.95
CA PRO A 295 29.70 -15.08 -13.38
C PRO A 295 28.80 -16.25 -13.83
N GLU A 296 28.64 -17.26 -12.96
CA GLU A 296 27.77 -18.41 -13.23
C GLU A 296 26.30 -18.01 -13.39
N ASN A 297 25.97 -16.80 -12.95
CA ASN A 297 24.59 -16.29 -13.02
C ASN A 297 24.30 -15.34 -14.18
N GLU A 298 25.28 -15.11 -15.05
CA GLU A 298 25.04 -14.25 -16.22
C GLU A 298 23.83 -14.73 -17.04
N GLY A 299 22.95 -13.79 -17.36
CA GLY A 299 21.77 -14.06 -18.13
C GLY A 299 20.61 -14.70 -17.39
N LYS A 300 20.78 -15.07 -16.13
CA LYS A 300 19.69 -15.71 -15.38
C LYS A 300 18.60 -14.71 -14.94
N THR A 301 17.41 -15.23 -14.64
CA THR A 301 16.32 -14.41 -14.09
C THR A 301 16.23 -14.60 -12.56
N ILE A 302 16.46 -13.51 -11.84
CA ILE A 302 16.57 -13.55 -10.39
C ILE A 302 15.35 -12.85 -9.80
N VAL A 303 14.60 -13.55 -8.94
CA VAL A 303 13.36 -13.04 -8.39
C VAL A 303 13.57 -12.85 -6.88
N ILE A 304 13.33 -11.62 -6.43
CA ILE A 304 13.57 -11.22 -5.04
C ILE A 304 12.23 -10.81 -4.40
N ILE A 305 11.92 -11.43 -3.25
CA ILE A 305 10.70 -11.11 -2.55
C ILE A 305 10.90 -9.79 -1.81
N VAL A 306 9.93 -8.90 -1.93
CA VAL A 306 9.93 -7.61 -1.24
C VAL A 306 8.69 -7.64 -0.31
N PRO A 307 8.88 -8.03 0.96
CA PRO A 307 7.76 -8.28 1.87
C PRO A 307 6.91 -7.08 2.31
N SER A 308 7.44 -5.87 2.28
CA SER A 308 6.78 -4.70 2.92
C SER A 308 7.25 -3.36 2.34
N CYS A 309 6.54 -2.26 2.66
CA CYS A 309 6.87 -0.93 2.12
C CYS A 309 7.48 -0.07 3.21
N GLY A 310 8.36 0.86 2.82
CA GLY A 310 9.06 1.74 3.77
C GLY A 310 8.22 2.66 4.66
N GLU A 311 6.98 2.90 4.28
CA GLU A 311 6.10 3.81 5.04
C GLU A 311 5.78 3.23 6.44
N ARG A 312 5.91 1.92 6.55
CA ARG A 312 5.71 1.25 7.82
C ARG A 312 6.94 1.41 8.75
N TYR A 313 7.97 2.14 8.28
CA TYR A 313 9.27 2.23 8.97
C TYR A 313 9.70 3.65 9.29
N LEU A 314 8.76 4.58 9.16
CA LEU A 314 9.08 6.01 9.28
C LEU A 314 9.57 6.37 10.70
N SER A 315 9.15 5.61 11.70
CA SER A 315 9.60 5.89 13.07
C SER A 315 10.93 5.17 13.43
N THR A 316 11.46 4.41 12.48
CA THR A 316 12.73 3.70 12.69
C THR A 316 13.87 4.57 12.18
N ASP A 317 15.11 4.04 12.20
CA ASP A 317 16.25 4.78 11.70
C ASP A 317 16.49 4.54 10.22
N LEU A 318 15.55 3.88 9.54
CA LEU A 318 15.76 3.51 8.12
C LEU A 318 16.18 4.71 7.27
N TYR A 319 15.42 5.81 7.36
CA TYR A 319 15.71 6.96 6.51
C TYR A 319 16.40 8.11 7.23
N LYS A 320 16.86 7.87 8.45
CA LYS A 320 17.50 8.93 9.20
C LYS A 320 18.95 9.15 8.74
N ILE A 321 19.67 8.08 8.44
CA ILE A 321 21.00 8.14 7.83
C ILE A 321 20.90 8.61 6.37
N LYS A 322 21.61 9.68 6.02
CA LYS A 322 21.51 10.26 4.66
C LYS A 322 22.80 10.10 3.84
N ASP A 323 22.80 9.10 2.96
CA ASP A 323 24.03 8.62 2.31
C ASP A 323 24.72 9.69 1.49
N GLU A 324 26.01 9.88 1.76
CA GLU A 324 26.81 10.78 0.94
C GLU A 324 27.33 9.99 -0.25
N GLY A 325 27.30 10.59 -1.42
CA GLY A 325 27.85 9.90 -2.56
C GLY A 325 26.88 9.74 -3.70
N THR A 326 27.47 9.56 -4.86
CA THR A 326 26.75 9.35 -6.09
C THR A 326 26.18 7.94 -6.09
N LYS A 327 25.32 7.64 -7.06
CA LYS A 327 24.70 6.34 -7.16
C LYS A 327 25.76 5.24 -7.26
N ILE A 328 26.74 5.44 -8.14
CA ILE A 328 27.77 4.40 -8.32
C ILE A 328 28.61 4.17 -7.05
N GLN A 329 28.87 5.23 -6.28
CA GLN A 329 29.59 5.07 -5.01
C GLN A 329 28.80 4.26 -4.00
N ILE A 330 27.49 4.52 -3.99
CA ILE A 330 26.61 3.84 -3.04
C ILE A 330 26.54 2.35 -3.41
N LEU A 331 26.30 2.06 -4.69
CA LEU A 331 26.20 0.67 -5.13
C LEU A 331 27.54 -0.07 -4.96
N ASP A 332 28.62 0.62 -5.31
CA ASP A 332 29.95 0.03 -5.15
C ASP A 332 30.23 -0.26 -3.67
N SER A 333 29.81 0.65 -2.77
CA SER A 333 30.03 0.42 -1.35
C SER A 333 29.19 -0.75 -0.82
N LEU A 334 28.07 -1.04 -1.47
CA LEU A 334 27.19 -2.12 -1.01
C LEU A 334 27.67 -3.50 -1.45
N LEU A 335 28.34 -3.54 -2.59
CA LEU A 335 28.80 -4.81 -3.15
C LEU A 335 30.28 -5.11 -2.87
N ASN A 336 30.96 -4.26 -2.10
CA ASN A 336 32.44 -4.32 -2.09
C ASN A 336 33.10 -5.40 -1.22
N GLU A 337 32.31 -6.14 -0.43
CA GLU A 337 32.85 -7.22 0.41
C GLU A 337 33.51 -8.31 -0.45
N HIS A 338 34.69 -8.79 -0.07
CA HIS A 338 35.27 -9.89 -0.85
C HIS A 338 35.13 -11.27 -0.20
N HIS A 339 35.03 -12.28 -1.05
CA HIS A 339 34.91 -13.67 -0.63
C HIS A 339 35.37 -14.54 -1.78
N GLN B 3 -17.30 -19.91 -0.97
CA GLN B 3 -15.91 -20.08 -1.51
C GLN B 3 -15.26 -18.72 -1.75
N ILE B 4 -13.95 -18.66 -1.53
CA ILE B 4 -13.23 -17.40 -1.55
C ILE B 4 -11.91 -17.59 -2.30
N SER B 5 -11.79 -16.98 -3.48
CA SER B 5 -10.59 -17.15 -4.29
C SER B 5 -9.76 -15.88 -4.19
N ILE B 6 -8.48 -16.04 -3.93
CA ILE B 6 -7.56 -14.88 -3.99
C ILE B 6 -7.20 -14.53 -5.42
N SER B 7 -6.38 -13.50 -5.62
CA SER B 7 -6.11 -13.01 -6.98
C SER B 7 -5.18 -13.94 -7.77
N SER B 8 -5.40 -13.98 -9.07
CA SER B 8 -4.60 -14.81 -9.98
C SER B 8 -3.35 -14.03 -10.39
N PRO B 9 -2.35 -14.73 -10.93
CA PRO B 9 -1.15 -14.07 -11.42
C PRO B 9 -1.48 -12.96 -12.42
N ARG B 10 -0.71 -11.87 -12.37
CA ARG B 10 -0.88 -10.76 -13.30
C ARG B 10 -0.45 -11.12 -14.73
N LYS B 11 0.42 -12.12 -14.87
CA LYS B 11 1.02 -12.53 -16.16
C LYS B 11 1.63 -11.32 -16.90
N ARG B 12 2.46 -10.57 -16.19
CA ARG B 12 3.15 -9.38 -16.73
C ARG B 12 4.44 -9.26 -15.93
N ILE B 13 5.53 -8.86 -16.59
CA ILE B 13 6.69 -8.30 -15.87
C ILE B 13 6.72 -6.80 -16.18
N TYR B 14 6.61 -5.99 -15.13
CA TYR B 14 6.55 -4.55 -15.23
C TYR B 14 7.97 -4.01 -15.40
N HIS B 15 8.12 -3.06 -16.31
CA HIS B 15 9.46 -2.51 -16.64
C HIS B 15 10.00 -1.57 -15.57
N ASN B 16 9.08 -0.94 -14.85
CA ASN B 16 9.40 -0.13 -13.66
C ASN B 16 8.11 0.06 -12.87
N ILE B 17 8.21 0.75 -11.75
CA ILE B 17 7.12 0.83 -10.76
C ILE B 17 5.92 1.62 -11.30
N LEU B 18 6.19 2.50 -12.27
CA LEU B 18 5.14 3.39 -12.82
C LEU B 18 4.15 2.57 -13.61
N GLU B 19 4.61 1.45 -14.15
CA GLU B 19 3.75 0.54 -14.90
C GLU B 19 2.74 -0.21 -14.01
N THR B 20 2.97 -0.16 -12.69
CA THR B 20 2.06 -0.79 -11.73
C THR B 20 0.98 0.17 -11.26
N ILE B 21 1.05 1.42 -11.72
CA ILE B 21 0.02 2.42 -11.38
C ILE B 21 -1.29 2.03 -12.07
N GLY B 22 -2.42 2.29 -11.43
CA GLY B 22 -3.72 2.06 -12.08
C GLY B 22 -4.18 0.60 -12.02
N GLY B 23 -5.21 0.28 -12.79
CA GLY B 23 -5.86 -1.04 -12.71
C GLY B 23 -6.18 -1.43 -11.26
N THR B 24 -6.76 -0.49 -10.51
CA THR B 24 -7.04 -0.67 -9.07
C THR B 24 -8.32 -1.49 -8.88
N PRO B 25 -8.43 -2.24 -7.77
CA PRO B 25 -9.56 -3.17 -7.60
C PRO B 25 -10.88 -2.51 -7.21
N LEU B 26 -11.95 -3.08 -7.73
CA LEU B 26 -13.29 -2.66 -7.42
C LEU B 26 -13.92 -3.73 -6.52
N VAL B 27 -14.28 -3.36 -5.30
CA VAL B 27 -14.62 -4.33 -4.23
C VAL B 27 -16.02 -4.03 -3.68
N GLU B 28 -16.85 -5.07 -3.58
CA GLU B 28 -18.19 -4.92 -2.98
C GLU B 28 -18.16 -4.60 -1.49
N LEU B 29 -19.00 -3.66 -1.09
CA LEU B 29 -19.22 -3.43 0.33
C LEU B 29 -20.37 -4.33 0.78
N HIS B 30 -20.27 -4.83 2.01
CA HIS B 30 -21.30 -5.72 2.55
C HIS B 30 -21.66 -5.38 4.00
N GLY B 31 -20.63 -5.16 4.82
CA GLY B 31 -20.79 -4.84 6.23
C GLY B 31 -21.58 -3.57 6.48
N VAL B 32 -21.15 -2.47 5.86
CA VAL B 32 -21.79 -1.18 6.08
C VAL B 32 -23.06 -0.99 5.24
N THR B 33 -23.36 -1.93 4.37
CA THR B 33 -24.55 -1.85 3.54
C THR B 33 -25.65 -2.72 4.15
N GLU B 34 -25.40 -3.28 5.33
CA GLU B 34 -26.36 -4.22 5.91
C GLU B 34 -27.39 -3.38 6.66
N HIS B 35 -28.40 -2.95 5.92
CA HIS B 35 -29.37 -1.96 6.39
C HIS B 35 -30.70 -2.25 5.73
N PRO B 36 -31.80 -2.20 6.50
CA PRO B 36 -33.09 -2.61 5.91
C PRO B 36 -33.49 -1.79 4.67
N ARG B 37 -33.13 -0.51 4.65
CA ARG B 37 -33.46 0.39 3.51
C ARG B 37 -32.57 0.27 2.24
N ILE B 38 -31.48 -0.49 2.33
CA ILE B 38 -30.66 -0.75 1.14
C ILE B 38 -31.06 -2.13 0.64
N LYS B 39 -31.64 -2.18 -0.55
CA LYS B 39 -32.14 -3.46 -1.10
C LYS B 39 -31.02 -4.36 -1.62
N LYS B 40 -31.25 -5.68 -1.52
CA LYS B 40 -30.30 -6.73 -1.96
C LYS B 40 -29.66 -6.44 -3.34
N GLY B 41 -30.47 -5.97 -4.28
CA GLY B 41 -30.04 -5.74 -5.66
C GLY B 41 -29.18 -4.52 -5.90
N THR B 42 -29.25 -3.54 -5.01
CA THR B 42 -28.41 -2.33 -5.09
C THR B 42 -26.97 -2.73 -4.78
N ARG B 43 -26.06 -2.39 -5.67
CA ARG B 43 -24.66 -2.80 -5.48
C ARG B 43 -23.79 -1.61 -5.15
N ILE B 44 -23.06 -1.70 -4.03
CA ILE B 44 -22.23 -0.58 -3.61
C ILE B 44 -20.77 -1.05 -3.66
N LEU B 45 -19.99 -0.43 -4.54
CA LEU B 45 -18.65 -0.91 -4.83
C LEU B 45 -17.64 0.20 -4.54
N VAL B 46 -16.48 -0.15 -4.00
CA VAL B 46 -15.47 0.84 -3.72
C VAL B 46 -14.25 0.56 -4.59
N LYS B 47 -13.72 1.61 -5.19
CA LYS B 47 -12.53 1.51 -6.04
C LYS B 47 -11.32 1.94 -5.21
N LEU B 48 -10.45 1.00 -4.92
CA LEU B 48 -9.42 1.20 -3.90
C LEU B 48 -8.09 1.75 -4.46
N GLU B 49 -7.97 3.08 -4.45
CA GLU B 49 -6.86 3.73 -5.13
C GLU B 49 -5.58 3.62 -4.38
N TYR B 50 -5.67 3.12 -3.14
CA TYR B 50 -4.47 2.87 -2.34
C TYR B 50 -3.73 1.61 -2.76
N PHE B 51 -4.28 0.88 -3.74
CA PHE B 51 -3.54 -0.19 -4.37
C PHE B 51 -2.40 0.32 -5.30
N ASN B 52 -2.45 1.60 -5.68
CA ASN B 52 -1.30 2.22 -6.39
C ASN B 52 0.00 2.06 -5.60
N PRO B 53 1.16 2.08 -6.30
CA PRO B 53 2.41 1.77 -5.58
C PRO B 53 2.73 2.64 -4.37
N MET B 54 2.38 3.93 -4.39
CA MET B 54 2.53 4.74 -3.16
C MET B 54 1.21 5.00 -2.41
N SER B 55 0.24 4.12 -2.65
CA SER B 55 -0.97 4.03 -1.82
C SER B 55 -1.91 5.23 -1.91
N SER B 56 -1.88 5.95 -3.03
CA SER B 56 -2.96 6.91 -3.24
C SER B 56 -3.31 7.13 -4.68
N VAL B 57 -4.50 7.67 -4.90
CA VAL B 57 -4.96 8.09 -6.24
C VAL B 57 -3.93 9.02 -6.97
N LYS B 58 -3.15 9.81 -6.20
CA LYS B 58 -2.26 10.83 -6.81
C LYS B 58 -1.12 10.19 -7.59
N ASP B 59 -0.82 8.92 -7.32
CA ASP B 59 0.16 8.22 -8.14
C ASP B 59 -0.14 8.40 -9.64
N ARG B 60 -1.41 8.31 -10.01
CA ARG B 60 -1.78 8.45 -11.44
C ARG B 60 -1.46 9.86 -11.92
N VAL B 61 -1.70 10.84 -11.05
CA VAL B 61 -1.52 12.29 -11.36
C VAL B 61 -0.04 12.67 -11.50
N GLY B 62 0.76 12.32 -10.49
CA GLY B 62 2.20 12.59 -10.54
C GLY B 62 2.82 11.95 -11.77
N PHE B 63 2.45 10.71 -12.06
CA PHE B 63 2.96 10.03 -13.25
C PHE B 63 2.57 10.74 -14.56
N ASN B 64 1.28 10.97 -14.77
CA ASN B 64 0.85 11.54 -16.05
C ASN B 64 1.39 12.96 -16.27
N ILE B 65 1.40 13.77 -15.21
CA ILE B 65 1.88 15.15 -15.32
C ILE B 65 3.35 15.17 -15.74
N VAL B 66 4.15 14.34 -15.06
CA VAL B 66 5.57 14.28 -15.37
C VAL B 66 5.84 13.62 -16.72
N TYR B 67 5.23 12.47 -16.97
CA TYR B 67 5.49 11.73 -18.20
C TYR B 67 5.02 12.55 -19.42
N GLN B 68 3.87 13.19 -19.31
CA GLN B 68 3.41 13.99 -20.45
C GLN B 68 4.34 15.16 -20.70
N ALA B 69 4.82 15.80 -19.63
CA ALA B 69 5.69 17.00 -19.76
C ALA B 69 7.00 16.62 -20.45
N ILE B 70 7.50 15.43 -20.11
CA ILE B 70 8.72 14.91 -20.71
C ILE B 70 8.50 14.62 -22.20
N LYS B 71 7.40 13.93 -22.53
CA LYS B 71 7.05 13.68 -23.94
C LYS B 71 6.84 15.00 -24.71
N ASP B 72 6.29 16.00 -24.01
CA ASP B 72 5.95 17.34 -24.54
C ASP B 72 7.10 18.28 -24.77
N GLY B 73 8.23 18.03 -24.12
CA GLY B 73 9.28 19.03 -24.07
C GLY B 73 9.07 20.10 -23.01
N ARG B 74 7.98 20.03 -22.22
CA ARG B 74 7.83 20.96 -21.10
C ARG B 74 8.74 20.62 -19.92
N LEU B 75 9.23 19.38 -19.90
CA LEU B 75 10.25 19.00 -18.97
C LEU B 75 11.38 18.34 -19.76
N LYS B 76 12.57 18.94 -19.72
CA LYS B 76 13.70 18.38 -20.47
C LYS B 76 14.97 18.34 -19.63
N PRO B 77 15.98 17.57 -20.07
CA PRO B 77 17.19 17.37 -19.24
C PRO B 77 17.79 18.67 -18.74
N GLY B 78 18.16 18.70 -17.45
CA GLY B 78 18.69 19.91 -16.81
C GLY B 78 17.64 20.71 -16.05
N MET B 79 16.37 20.48 -16.37
CA MET B 79 15.29 21.09 -15.62
C MET B 79 15.00 20.26 -14.35
N GLU B 80 14.29 20.86 -13.41
CA GLU B 80 13.82 20.15 -12.22
C GLU B 80 12.32 20.32 -12.10
N ILE B 81 11.67 19.37 -11.44
CA ILE B 81 10.23 19.49 -11.14
C ILE B 81 10.06 20.31 -9.86
N ILE B 82 9.02 21.15 -9.78
CA ILE B 82 8.67 21.82 -8.53
C ILE B 82 7.16 21.83 -8.32
N GLU B 83 6.75 21.78 -7.05
CA GLU B 83 5.32 21.93 -6.69
C GLU B 83 5.25 22.29 -5.23
N SER B 84 4.32 23.18 -4.93
CA SER B 84 3.96 23.39 -3.54
C SER B 84 2.76 22.48 -3.16
N THR B 85 3.05 21.54 -2.26
CA THR B 85 2.12 20.48 -1.86
C THR B 85 2.71 19.86 -0.59
N SER B 86 1.87 19.45 0.36
CA SER B 86 2.39 18.77 1.55
C SER B 86 1.91 17.33 1.66
N GLY B 87 1.26 16.88 0.60
CA GLY B 87 0.48 15.63 0.61
C GLY B 87 0.80 14.63 -0.47
N ASN B 88 -0.22 13.90 -0.85
CA ASN B 88 -0.05 12.78 -1.74
C ASN B 88 0.51 13.18 -3.09
N THR B 89 0.12 14.36 -3.60
CA THR B 89 0.68 14.78 -4.89
C THR B 89 2.20 14.89 -4.82
N GLY B 90 2.73 15.40 -3.70
CA GLY B 90 4.18 15.51 -3.60
C GLY B 90 4.86 14.15 -3.66
N ILE B 91 4.28 13.17 -2.97
CA ILE B 91 4.80 11.80 -2.96
C ILE B 91 4.79 11.22 -4.38
N ALA B 92 3.67 11.43 -5.07
CA ALA B 92 3.48 10.93 -6.43
C ALA B 92 4.50 11.58 -7.41
N LEU B 93 4.74 12.88 -7.23
CA LEU B 93 5.77 13.55 -8.06
C LEU B 93 7.19 13.02 -7.74
N CYS B 94 7.49 12.82 -6.46
CA CYS B 94 8.76 12.20 -6.04
C CYS B 94 8.98 10.79 -6.65
N GLN B 95 7.95 9.97 -6.65
CA GLN B 95 8.03 8.65 -7.29
C GLN B 95 8.33 8.76 -8.79
N ALA B 96 7.54 9.57 -9.51
CA ALA B 96 7.78 9.78 -10.95
C ALA B 96 9.18 10.34 -11.20
N GLY B 97 9.60 11.31 -10.39
CA GLY B 97 10.92 11.93 -10.60
C GLY B 97 12.07 10.96 -10.38
N ALA B 98 11.94 10.10 -9.36
CA ALA B 98 12.95 9.06 -9.09
C ALA B 98 13.14 8.12 -10.29
N VAL B 99 12.04 7.67 -10.88
CA VAL B 99 12.08 6.74 -12.02
C VAL B 99 12.67 7.40 -13.26
N PHE B 100 12.21 8.63 -13.56
CA PHE B 100 12.62 9.33 -14.78
C PHE B 100 14.01 9.95 -14.64
N GLY B 101 14.48 10.11 -13.40
CA GLY B 101 15.79 10.70 -13.11
C GLY B 101 15.77 12.23 -13.11
N TYR B 102 14.68 12.82 -12.62
CA TYR B 102 14.56 14.28 -12.51
C TYR B 102 14.51 14.69 -11.07
N ARG B 103 15.28 15.71 -10.72
CA ARG B 103 15.21 16.27 -9.36
C ARG B 103 13.81 16.80 -9.07
N VAL B 104 13.34 16.60 -7.84
CA VAL B 104 12.01 17.02 -7.44
C VAL B 104 12.14 17.97 -6.25
N ASN B 105 11.48 19.12 -6.39
CA ASN B 105 11.49 20.16 -5.36
C ASN B 105 10.09 20.28 -4.80
N ILE B 106 9.90 20.00 -3.51
CA ILE B 106 8.56 20.13 -2.95
C ILE B 106 8.55 21.22 -1.89
N ALA B 107 7.69 22.22 -2.07
CA ALA B 107 7.53 23.29 -1.08
C ALA B 107 6.28 23.11 -0.23
N MET B 108 6.45 23.23 1.08
CA MET B 108 5.35 23.10 2.01
C MET B 108 5.71 23.88 3.27
N PRO B 109 4.69 24.27 4.09
CA PRO B 109 4.97 24.90 5.39
C PRO B 109 5.77 23.96 6.28
N SER B 110 6.77 24.48 6.99
CA SER B 110 7.66 23.68 7.85
C SER B 110 6.89 22.89 8.91
N THR B 111 5.76 23.43 9.35
CA THR B 111 4.88 22.81 10.34
C THR B 111 4.29 21.46 9.88
N MET B 112 4.26 21.25 8.57
CA MET B 112 3.51 20.15 7.98
C MET B 112 3.98 18.73 8.32
N SER B 113 3.14 17.77 7.91
CA SER B 113 3.47 16.35 7.82
C SER B 113 4.99 16.09 7.78
N VAL B 114 5.57 15.89 8.97
CA VAL B 114 6.97 15.47 9.08
C VAL B 114 7.14 14.02 8.60
N GLU B 115 6.05 13.26 8.74
CA GLU B 115 5.91 11.94 8.12
C GLU B 115 6.07 12.05 6.61
N ARG B 116 5.20 12.80 5.95
CA ARG B 116 5.26 12.89 4.49
C ARG B 116 6.54 13.59 4.02
N GLN B 117 7.06 14.50 4.84
CA GLN B 117 8.38 15.07 4.59
C GLN B 117 9.44 14.00 4.48
N MET B 118 9.47 13.09 5.45
CA MET B 118 10.43 12.00 5.43
C MET B 118 10.25 11.13 4.18
N ILE B 119 8.99 10.83 3.84
CA ILE B 119 8.71 10.03 2.62
C ILE B 119 9.32 10.75 1.42
N MET B 120 9.02 12.03 1.30
CA MET B 120 9.52 12.76 0.15
C MET B 120 11.05 12.81 0.09
N LYS B 121 11.71 13.03 1.24
CA LYS B 121 13.18 12.98 1.29
C LYS B 121 13.73 11.60 0.92
N ALA B 122 13.07 10.54 1.37
CA ALA B 122 13.50 9.16 1.05
C ALA B 122 13.58 8.96 -0.48
N PHE B 123 12.69 9.61 -1.23
CA PHE B 123 12.71 9.56 -2.71
C PHE B 123 13.75 10.48 -3.35
N GLY B 124 14.47 11.24 -2.54
CA GLY B 124 15.53 12.10 -3.03
C GLY B 124 15.07 13.52 -3.33
N ALA B 125 13.87 13.87 -2.83
CA ALA B 125 13.35 15.22 -3.06
C ALA B 125 14.13 16.25 -2.25
N GLU B 126 14.29 17.42 -2.85
CA GLU B 126 14.67 18.60 -2.07
C GLU B 126 13.42 19.26 -1.50
N LEU B 127 13.37 19.41 -0.18
CA LEU B 127 12.24 20.06 0.47
C LEU B 127 12.47 21.55 0.71
N ILE B 128 11.47 22.34 0.37
CA ILE B 128 11.48 23.79 0.58
C ILE B 128 10.50 24.13 1.69
N LEU B 129 11.00 24.19 2.92
CA LEU B 129 10.13 24.37 4.09
C LEU B 129 9.93 25.86 4.33
N THR B 130 8.69 26.30 4.15
CA THR B 130 8.34 27.71 4.25
C THR B 130 7.72 28.02 5.61
N GLU B 131 7.52 29.32 5.87
CA GLU B 131 7.05 29.80 7.17
C GLU B 131 5.70 29.21 7.56
N GLY B 132 5.67 28.55 8.72
CA GLY B 132 4.47 27.82 9.19
C GLY B 132 3.17 28.59 9.24
N LYS B 133 3.22 29.84 9.68
CA LYS B 133 2.01 30.66 9.84
C LYS B 133 1.42 31.13 8.50
N LYS B 134 2.23 31.15 7.45
CA LYS B 134 1.79 31.50 6.10
C LYS B 134 1.10 30.36 5.34
N GLY B 135 1.15 29.14 5.89
CA GLY B 135 0.43 28.01 5.27
C GLY B 135 0.87 27.74 3.84
N MET B 136 -0.03 27.13 3.05
CA MET B 136 0.25 26.82 1.65
C MET B 136 0.42 28.07 0.75
N PRO B 137 -0.35 29.16 1.01
CA PRO B 137 -0.03 30.37 0.26
C PRO B 137 1.46 30.74 0.34
N GLY B 138 2.07 30.54 1.51
CA GLY B 138 3.49 30.82 1.70
C GLY B 138 4.41 29.92 0.90
N ALA B 139 4.02 28.64 0.78
CA ALA B 139 4.75 27.66 -0.04
C ALA B 139 4.66 28.02 -1.52
N ILE B 140 3.47 28.35 -1.98
CA ILE B 140 3.24 28.79 -3.38
C ILE B 140 4.06 30.06 -3.67
N GLU B 141 4.03 30.99 -2.73
CA GLU B 141 4.81 32.23 -2.79
C GLU B 141 6.31 31.98 -3.02
N GLU B 142 6.90 31.06 -2.26
CA GLU B 142 8.32 30.70 -2.42
C GLU B 142 8.61 30.04 -3.77
N VAL B 143 7.70 29.18 -4.23
CA VAL B 143 7.85 28.53 -5.54
C VAL B 143 7.91 29.59 -6.65
N ASN B 144 7.00 30.55 -6.57
CA ASN B 144 6.93 31.64 -7.55
C ASN B 144 8.22 32.46 -7.52
N LYS B 145 8.72 32.74 -6.33
CA LYS B 145 10.01 33.40 -6.13
C LYS B 145 11.19 32.62 -6.77
N MET B 146 11.20 31.29 -6.62
CA MET B 146 12.23 30.44 -7.20
C MET B 146 12.16 30.42 -8.71
N ILE B 147 10.94 30.37 -9.25
CA ILE B 147 10.72 30.42 -10.68
C ILE B 147 11.20 31.76 -11.26
N LYS B 148 10.84 32.85 -10.58
CA LYS B 148 11.28 34.20 -10.98
C LYS B 148 12.81 34.32 -11.04
N GLU B 149 13.49 33.84 -10.00
CA GLU B 149 14.94 33.95 -9.89
C GLU B 149 15.72 32.97 -10.77
N ASN B 150 15.01 31.97 -11.31
CA ASN B 150 15.59 30.92 -12.13
C ASN B 150 14.74 30.57 -13.35
N PRO B 151 14.57 31.52 -14.28
CA PRO B 151 13.73 31.19 -15.45
C PRO B 151 14.35 30.07 -16.28
N GLY B 152 13.51 29.18 -16.81
CA GLY B 152 13.95 28.06 -17.62
C GLY B 152 14.27 26.78 -16.85
N LYS B 153 14.48 26.90 -15.54
CA LYS B 153 14.97 25.78 -14.72
C LYS B 153 13.85 24.80 -14.31
N TYR B 154 12.65 25.33 -14.05
CA TYR B 154 11.62 24.53 -13.36
C TYR B 154 10.41 24.22 -14.20
N PHE B 155 9.95 22.98 -14.08
CA PHE B 155 8.62 22.60 -14.49
C PHE B 155 7.70 22.53 -13.26
N VAL B 156 6.66 23.36 -13.25
CA VAL B 156 5.66 23.37 -12.17
C VAL B 156 4.52 22.37 -12.45
N ALA B 157 4.28 21.48 -11.50
CA ALA B 157 3.26 20.45 -11.73
C ALA B 157 1.88 21.08 -11.88
N ASN B 158 1.58 22.09 -11.04
CA ASN B 158 0.34 22.88 -11.14
C ASN B 158 -0.91 21.97 -11.03
N GLN B 159 -1.00 21.20 -9.93
CA GLN B 159 -1.99 20.11 -9.84
C GLN B 159 -3.47 20.60 -10.01
N PHE B 160 -3.77 21.84 -9.62
CA PHE B 160 -5.15 22.33 -9.70
C PHE B 160 -5.50 22.96 -11.06
N GLY B 161 -4.48 23.20 -11.87
CA GLY B 161 -4.67 23.85 -13.17
C GLY B 161 -4.23 23.03 -14.37
N ASN B 162 -3.63 21.87 -14.10
CA ASN B 162 -3.03 21.04 -15.14
C ASN B 162 -4.00 19.95 -15.65
N PRO B 163 -4.47 20.07 -16.92
CA PRO B 163 -5.41 19.06 -17.42
C PRO B 163 -4.82 17.65 -17.60
N ASP B 164 -3.50 17.49 -17.48
CA ASP B 164 -2.88 16.14 -17.42
C ASP B 164 -3.26 15.37 -16.13
N ASN B 165 -3.67 16.13 -15.11
CA ASN B 165 -4.31 15.57 -13.92
C ASN B 165 -5.63 14.89 -14.36
N THR B 166 -6.58 15.72 -14.80
CA THR B 166 -7.88 15.27 -15.28
C THR B 166 -7.75 14.07 -16.24
N ALA B 167 -6.84 14.18 -17.19
CA ALA B 167 -6.72 13.19 -18.29
C ALA B 167 -6.27 11.81 -17.76
N ALA B 168 -5.49 11.79 -16.67
CA ALA B 168 -5.07 10.51 -16.05
C ALA B 168 -6.28 9.69 -15.66
N HIS B 169 -7.38 10.37 -15.32
CA HIS B 169 -8.57 9.67 -14.85
C HIS B 169 -9.47 9.12 -15.95
N HIS B 170 -9.08 9.34 -17.21
CA HIS B 170 -9.69 8.56 -18.29
C HIS B 170 -9.40 7.06 -18.09
N TYR B 171 -8.24 6.74 -17.53
CA TYR B 171 -7.94 5.33 -17.23
C TYR B 171 -8.79 4.85 -16.07
N THR B 172 -8.90 5.69 -15.04
CA THR B 172 -9.78 5.41 -13.89
C THR B 172 -11.21 5.07 -14.37
N ALA B 173 -11.72 5.91 -15.30
CA ALA B 173 -13.04 5.70 -15.91
C ALA B 173 -13.11 4.39 -16.67
N ASN B 174 -12.13 4.13 -17.52
CA ASN B 174 -12.14 2.90 -18.33
C ASN B 174 -12.17 1.65 -17.44
N GLU B 175 -11.43 1.71 -16.33
CA GLU B 175 -11.42 0.61 -15.35
C GLU B 175 -12.79 0.42 -14.72
N ILE B 176 -13.43 1.50 -14.31
CA ILE B 176 -14.80 1.38 -13.76
C ILE B 176 -15.75 0.76 -14.80
N TRP B 177 -15.69 1.25 -16.04
CA TRP B 177 -16.54 0.73 -17.13
C TRP B 177 -16.31 -0.77 -17.37
N GLU B 178 -15.06 -1.16 -17.56
CA GLU B 178 -14.72 -2.57 -17.80
C GLU B 178 -15.05 -3.46 -16.62
N ASP B 179 -14.67 -3.03 -15.42
CA ASP B 179 -14.85 -3.87 -14.23
C ASP B 179 -16.32 -4.12 -13.94
N THR B 180 -17.16 -3.14 -14.25
CA THR B 180 -18.62 -3.32 -14.03
C THR B 180 -19.34 -3.88 -15.28
N ASP B 181 -18.59 -4.25 -16.31
CA ASP B 181 -19.23 -4.65 -17.59
C ASP B 181 -20.31 -3.66 -18.07
N GLY B 182 -20.01 -2.37 -17.97
CA GLY B 182 -20.94 -1.33 -18.40
C GLY B 182 -22.18 -1.15 -17.52
N GLU B 183 -22.20 -1.77 -16.33
CA GLU B 183 -23.37 -1.67 -15.44
C GLU B 183 -23.33 -0.47 -14.47
N VAL B 184 -22.19 0.20 -14.36
CA VAL B 184 -22.11 1.36 -13.44
C VAL B 184 -23.23 2.37 -13.69
N ASP B 185 -23.92 2.79 -12.61
CA ASP B 185 -25.00 3.77 -12.73
C ASP B 185 -24.66 5.13 -12.13
N ILE B 186 -23.91 5.13 -11.02
CA ILE B 186 -23.61 6.32 -10.23
C ILE B 186 -22.12 6.23 -9.83
N VAL B 187 -21.40 7.35 -9.92
CA VAL B 187 -20.03 7.39 -9.40
C VAL B 187 -19.93 8.51 -8.37
N VAL B 188 -19.29 8.21 -7.24
CA VAL B 188 -19.17 9.18 -6.15
C VAL B 188 -17.69 9.43 -5.90
N SER B 189 -17.32 10.72 -5.89
CA SER B 189 -15.90 11.10 -5.75
C SER B 189 -15.81 12.33 -4.87
N ALA B 190 -15.07 12.20 -3.77
CA ALA B 190 -14.70 13.36 -2.91
C ALA B 190 -13.65 14.23 -3.60
N VAL B 191 -13.88 15.54 -3.57
CA VAL B 191 -13.15 16.44 -4.47
C VAL B 191 -12.01 17.21 -3.82
N GLY B 192 -10.81 17.03 -4.36
CA GLY B 192 -9.63 17.77 -3.89
C GLY B 192 -9.20 18.68 -5.02
N THR B 193 -8.34 18.15 -5.90
CA THR B 193 -8.08 18.86 -7.16
C THR B 193 -9.25 18.82 -8.17
N SER B 194 -10.15 17.83 -8.05
CA SER B 194 -11.29 17.51 -8.98
C SER B 194 -10.87 16.71 -10.23
N GLY B 195 -9.60 16.39 -10.33
CA GLY B 195 -9.11 15.59 -11.45
C GLY B 195 -9.89 14.30 -11.57
N THR B 196 -10.10 13.61 -10.45
CA THR B 196 -10.87 12.34 -10.47
C THR B 196 -12.32 12.50 -10.92
N VAL B 197 -13.06 13.40 -10.27
CA VAL B 197 -14.49 13.48 -10.60
C VAL B 197 -14.70 13.91 -12.05
N ILE B 198 -13.91 14.86 -12.54
CA ILE B 198 -14.07 15.38 -13.91
C ILE B 198 -13.55 14.40 -14.95
N GLY B 199 -12.35 13.87 -14.70
CA GLY B 199 -11.72 12.92 -15.62
C GLY B 199 -12.56 11.67 -15.74
N VAL B 200 -13.06 11.17 -14.63
CA VAL B 200 -13.97 10.05 -14.66
C VAL B 200 -15.27 10.39 -15.40
N ALA B 201 -15.85 11.54 -15.05
CA ALA B 201 -17.12 11.97 -15.63
C ALA B 201 -17.03 12.10 -17.15
N GLU B 202 -15.98 12.78 -17.63
CA GLU B 202 -15.91 13.01 -19.06
C GLU B 202 -15.71 11.72 -19.90
N LYS B 203 -14.91 10.80 -19.40
CA LYS B 203 -14.73 9.52 -20.06
C LYS B 203 -15.96 8.62 -19.94
N LEU B 204 -16.61 8.60 -18.76
CA LEU B 204 -17.80 7.76 -18.63
C LEU B 204 -18.97 8.29 -19.44
N LYS B 205 -19.11 9.62 -19.49
CA LYS B 205 -20.21 10.26 -20.26
C LYS B 205 -20.05 9.91 -21.73
N GLU B 206 -18.81 9.75 -22.16
CA GLU B 206 -18.47 9.33 -23.51
C GLU B 206 -19.00 7.91 -23.74
N LYS B 207 -19.06 7.13 -22.66
CA LYS B 207 -19.52 5.74 -22.75
C LYS B 207 -21.03 5.57 -22.58
N LYS B 208 -21.63 6.44 -21.76
CA LYS B 208 -23.05 6.32 -21.36
C LYS B 208 -23.48 7.66 -20.70
N LYS B 209 -24.36 8.42 -21.37
CA LYS B 209 -24.70 9.78 -20.92
C LYS B 209 -25.48 9.76 -19.59
N GLY B 210 -26.26 8.72 -19.40
CA GLY B 210 -27.10 8.60 -18.23
C GLY B 210 -26.42 8.32 -16.88
N ILE B 211 -25.10 8.19 -16.84
CA ILE B 211 -24.43 7.92 -15.54
C ILE B 211 -24.47 9.18 -14.65
N LYS B 212 -24.84 9.01 -13.39
CA LYS B 212 -24.91 10.12 -12.45
C LYS B 212 -23.55 10.30 -11.75
N ILE B 213 -23.03 11.51 -11.80
CA ILE B 213 -21.72 11.85 -11.23
C ILE B 213 -21.94 12.75 -9.99
N ILE B 214 -21.45 12.28 -8.85
CA ILE B 214 -21.67 12.94 -7.55
C ILE B 214 -20.33 13.39 -6.96
N ALA B 215 -20.19 14.69 -6.78
CA ALA B 215 -19.03 15.24 -6.08
C ALA B 215 -19.35 15.31 -4.59
N VAL B 216 -18.31 15.11 -3.77
CA VAL B 216 -18.44 15.19 -2.30
C VAL B 216 -17.43 16.25 -1.78
N GLU B 217 -17.86 17.10 -0.86
CA GLU B 217 -17.00 18.11 -0.27
C GLU B 217 -17.37 18.27 1.22
N PRO B 218 -16.47 18.85 2.04
CA PRO B 218 -16.81 18.99 3.48
C PRO B 218 -17.93 20.01 3.66
N GLU B 219 -18.89 19.68 4.52
CA GLU B 219 -19.96 20.63 4.89
C GLU B 219 -19.40 21.97 5.36
N GLU B 220 -18.24 21.92 6.02
CA GLU B 220 -17.61 23.07 6.65
C GLU B 220 -16.86 23.92 5.63
N SER B 221 -16.72 23.43 4.40
CA SER B 221 -16.02 24.21 3.38
C SER B 221 -16.61 23.91 2.01
N ALA B 222 -17.92 24.13 1.87
CA ALA B 222 -18.72 23.70 0.71
C ALA B 222 -18.62 24.67 -0.49
N VAL B 223 -17.40 24.81 -1.03
CA VAL B 223 -17.08 25.81 -2.05
C VAL B 223 -17.68 25.45 -3.42
N LEU B 224 -17.78 24.17 -3.72
CA LEU B 224 -18.42 23.76 -4.98
C LEU B 224 -19.89 24.17 -5.01
N GLU B 225 -20.51 24.17 -3.83
CA GLU B 225 -21.92 24.53 -3.65
C GLU B 225 -22.11 26.03 -3.41
N GLY B 226 -21.04 26.79 -3.55
CA GLY B 226 -21.08 28.26 -3.49
C GLY B 226 -20.87 28.84 -2.11
N LYS B 227 -20.42 28.03 -1.15
CA LYS B 227 -20.12 28.53 0.20
C LYS B 227 -18.68 29.02 0.23
N ALA B 228 -18.26 29.58 1.37
CA ALA B 228 -16.93 30.11 1.49
C ALA B 228 -15.98 29.03 2.04
N LYS B 229 -14.68 29.20 1.77
CA LYS B 229 -13.65 28.39 2.40
C LYS B 229 -13.81 28.50 3.91
N GLY B 230 -13.84 27.34 4.58
CA GLY B 230 -13.93 27.29 6.04
C GLY B 230 -13.03 26.18 6.59
N PRO B 231 -12.74 26.22 7.91
CA PRO B 231 -11.90 25.19 8.55
C PRO B 231 -12.63 23.84 8.54
N HIS B 232 -11.92 22.79 8.15
CA HIS B 232 -12.54 21.47 8.18
C HIS B 232 -11.45 20.45 8.44
N GLY B 233 -11.86 19.22 8.66
CA GLY B 233 -10.95 18.16 9.00
C GLY B 233 -10.91 16.97 8.03
N ILE B 234 -11.45 17.12 6.83
CA ILE B 234 -11.36 16.01 5.85
C ILE B 234 -10.11 16.13 4.96
N GLN B 235 -9.02 15.52 5.41
CA GLN B 235 -7.73 15.66 4.75
C GLN B 235 -7.82 15.16 3.30
N GLY B 236 -7.23 15.92 2.38
CA GLY B 236 -7.17 15.55 0.96
C GLY B 236 -8.24 16.18 0.11
N ILE B 237 -9.28 16.71 0.75
CA ILE B 237 -10.36 17.39 0.02
C ILE B 237 -10.63 18.82 0.58
N GLY B 238 -11.65 19.48 0.07
CA GLY B 238 -11.95 20.87 0.53
C GLY B 238 -10.78 21.83 0.36
N ALA B 239 -10.34 22.05 -0.89
CA ALA B 239 -9.18 22.96 -1.15
C ALA B 239 -9.45 24.42 -0.77
N GLY B 240 -10.71 24.79 -0.64
CA GLY B 240 -11.10 26.18 -0.30
C GLY B 240 -11.23 27.10 -1.49
N PHE B 241 -11.20 26.53 -2.71
CA PHE B 241 -11.45 27.26 -3.96
C PHE B 241 -11.95 26.29 -5.02
N ILE B 242 -12.46 26.81 -6.13
CA ILE B 242 -12.86 25.95 -7.22
C ILE B 242 -11.65 25.78 -8.14
N PRO B 243 -11.12 24.56 -8.25
CA PRO B 243 -9.92 24.38 -9.10
C PRO B 243 -10.14 24.77 -10.55
N ASP B 244 -9.09 25.26 -11.20
CA ASP B 244 -9.18 25.65 -12.61
C ASP B 244 -9.55 24.46 -13.51
N ILE B 245 -9.27 23.23 -13.06
CA ILE B 245 -9.61 22.06 -13.88
C ILE B 245 -11.04 21.53 -13.69
N TYR B 246 -11.75 22.07 -12.70
CA TYR B 246 -13.12 21.73 -12.46
C TYR B 246 -14.00 22.12 -13.65
N LYS B 247 -14.93 21.22 -13.98
CA LYS B 247 -15.92 21.49 -15.04
C LYS B 247 -17.31 21.14 -14.51
N LYS B 248 -18.02 22.14 -14.00
CA LYS B 248 -19.33 21.92 -13.37
C LYS B 248 -20.36 21.17 -14.23
N GLU B 249 -20.29 21.34 -15.55
CA GLU B 249 -21.20 20.67 -16.50
C GLU B 249 -21.23 19.15 -16.33
N PHE B 250 -20.12 18.59 -15.86
CA PHE B 250 -19.92 17.14 -15.78
C PHE B 250 -20.37 16.55 -14.43
N VAL B 251 -20.69 17.42 -13.48
CA VAL B 251 -21.09 17.01 -12.13
C VAL B 251 -22.60 17.18 -11.96
N ASP B 252 -23.28 16.09 -11.66
CA ASP B 252 -24.74 16.07 -11.52
C ASP B 252 -25.26 16.51 -10.16
N GLU B 253 -24.59 16.09 -9.09
CA GLU B 253 -24.97 16.51 -7.74
C GLU B 253 -23.72 16.71 -6.87
N ILE B 254 -23.81 17.62 -5.91
CA ILE B 254 -22.75 17.80 -4.88
C ILE B 254 -23.34 17.44 -3.51
N ILE B 255 -22.69 16.51 -2.83
CA ILE B 255 -23.09 16.17 -1.45
C ILE B 255 -22.10 16.68 -0.40
N PRO B 256 -22.57 17.54 0.52
CA PRO B 256 -21.74 17.99 1.63
C PRO B 256 -21.75 16.95 2.76
N ILE B 257 -20.57 16.66 3.30
CA ILE B 257 -20.45 15.71 4.42
C ILE B 257 -19.68 16.36 5.55
N LYS B 258 -20.22 16.27 6.77
CA LYS B 258 -19.54 16.82 7.94
C LYS B 258 -18.24 16.04 8.22
N THR B 259 -17.17 16.76 8.53
CA THR B 259 -15.88 16.19 8.94
C THR B 259 -16.04 15.00 9.92
N GLN B 260 -16.83 15.20 10.97
CA GLN B 260 -16.97 14.14 11.98
C GLN B 260 -17.68 12.89 11.45
N ASP B 261 -18.64 13.07 10.52
CA ASP B 261 -19.35 11.95 9.92
C ASP B 261 -18.47 11.16 8.96
N ALA B 262 -17.62 11.87 8.22
CA ALA B 262 -16.61 11.23 7.35
C ALA B 262 -15.68 10.34 8.19
N TRP B 263 -15.20 10.87 9.32
CA TRP B 263 -14.30 10.05 10.14
C TRP B 263 -15.02 8.83 10.70
N LYS B 264 -16.25 9.06 11.17
CA LYS B 264 -17.07 7.97 11.71
C LYS B 264 -17.41 6.89 10.66
N MET B 265 -17.68 7.32 9.43
CA MET B 265 -17.89 6.37 8.34
C MET B 265 -16.62 5.50 8.08
N ALA B 266 -15.45 6.15 8.04
CA ALA B 266 -14.17 5.47 7.81
C ALA B 266 -13.94 4.44 8.92
N ARG B 267 -14.27 4.80 10.16
CA ARG B 267 -14.16 3.85 11.25
C ARG B 267 -15.04 2.61 11.08
N ALA B 268 -16.29 2.81 10.64
CA ALA B 268 -17.23 1.73 10.39
C ALA B 268 -16.80 0.84 9.21
N VAL B 269 -16.32 1.45 8.13
CA VAL B 269 -15.86 0.67 6.98
C VAL B 269 -14.71 -0.33 7.33
N VAL B 270 -13.73 0.13 8.10
CA VAL B 270 -12.62 -0.80 8.46
C VAL B 270 -13.10 -1.88 9.45
N LYS B 271 -13.95 -1.48 10.40
CA LYS B 271 -14.52 -2.42 11.39
C LYS B 271 -15.44 -3.48 10.74
N TYR B 272 -16.36 -3.06 9.87
CA TYR B 272 -17.38 -3.97 9.34
C TYR B 272 -17.10 -4.57 7.97
N ASP B 273 -16.21 -3.93 7.19
CA ASP B 273 -15.79 -4.52 5.91
C ASP B 273 -14.31 -4.90 5.85
N GLY B 274 -13.53 -4.54 6.87
CA GLY B 274 -12.10 -4.89 6.84
C GLY B 274 -11.31 -4.11 5.80
N ILE B 275 -11.83 -2.95 5.42
CA ILE B 275 -11.24 -2.08 4.40
C ILE B 275 -10.77 -0.81 5.10
N MET B 276 -9.45 -0.61 5.15
CA MET B 276 -8.90 0.54 5.89
C MET B 276 -8.81 1.85 5.10
N CYS B 277 -9.94 2.48 4.85
CA CYS B 277 -9.99 3.64 4.00
C CYS B 277 -9.65 4.89 4.81
N GLY B 278 -9.21 5.92 4.08
CA GLY B 278 -8.88 7.22 4.69
C GLY B 278 -10.12 8.10 4.90
N MET B 279 -9.85 9.33 5.32
CA MET B 279 -10.87 10.31 5.72
C MET B 279 -11.80 10.71 4.56
N SER B 280 -11.22 11.03 3.42
CA SER B 280 -12.03 11.45 2.27
C SER B 280 -12.86 10.29 1.74
N SER B 281 -12.36 9.07 1.92
CA SER B 281 -13.11 7.87 1.55
C SER B 281 -14.32 7.73 2.45
N GLY B 282 -14.16 8.06 3.74
CA GLY B 282 -15.30 8.07 4.67
C GLY B 282 -16.41 8.98 4.14
N ALA B 283 -16.02 10.15 3.68
CA ALA B 283 -16.96 11.12 3.11
C ALA B 283 -17.69 10.57 1.87
N ALA B 284 -16.94 10.07 0.91
CA ALA B 284 -17.46 9.49 -0.32
C ALA B 284 -18.38 8.31 -0.04
N ILE B 285 -17.97 7.45 0.89
CA ILE B 285 -18.73 6.23 1.14
C ILE B 285 -20.05 6.61 1.81
N LEU B 286 -20.01 7.55 2.75
CA LEU B 286 -21.27 8.00 3.39
C LEU B 286 -22.23 8.58 2.35
N ALA B 287 -21.71 9.46 1.49
CA ALA B 287 -22.53 9.97 0.37
C ALA B 287 -23.14 8.84 -0.50
N GLY B 288 -22.35 7.78 -0.73
CA GLY B 288 -22.74 6.62 -1.52
C GLY B 288 -23.82 5.80 -0.84
N LEU B 289 -23.70 5.64 0.47
CA LEU B 289 -24.70 4.92 1.24
C LEU B 289 -26.02 5.70 1.27
N LYS B 290 -25.92 7.01 1.39
CA LYS B 290 -27.08 7.90 1.30
C LYS B 290 -27.79 7.79 -0.08
N GLU B 291 -27.02 7.64 -1.15
CA GLU B 291 -27.61 7.29 -2.47
C GLU B 291 -28.26 5.92 -2.48
N ALA B 292 -27.59 4.95 -1.85
CA ALA B 292 -28.03 3.55 -1.85
C ALA B 292 -29.40 3.32 -1.14
N GLU B 293 -29.76 4.19 -0.20
CA GLU B 293 -31.05 4.04 0.50
C GLU B 293 -32.22 4.76 -0.20
N LYS B 294 -31.92 5.56 -1.22
CA LYS B 294 -32.98 6.23 -2.02
C LYS B 294 -33.78 5.25 -2.85
N PRO B 295 -35.13 5.30 -2.77
CA PRO B 295 -35.96 4.36 -3.53
C PRO B 295 -35.72 4.37 -5.04
N GLU B 296 -35.49 5.54 -5.62
CA GLU B 296 -35.20 5.63 -7.06
C GLU B 296 -33.88 4.96 -7.47
N ASN B 297 -33.03 4.63 -6.49
CA ASN B 297 -31.76 3.93 -6.79
C ASN B 297 -31.75 2.41 -6.56
N GLU B 298 -32.92 1.81 -6.25
CA GLU B 298 -32.98 0.35 -6.04
C GLU B 298 -32.41 -0.40 -7.26
N GLY B 299 -31.47 -1.30 -6.98
CA GLY B 299 -30.90 -2.17 -8.00
C GLY B 299 -29.79 -1.54 -8.83
N LYS B 300 -29.48 -0.27 -8.56
CA LYS B 300 -28.42 0.41 -9.28
C LYS B 300 -27.02 -0.01 -8.76
N THR B 301 -26.03 0.19 -9.61
CA THR B 301 -24.62 -0.06 -9.28
C THR B 301 -23.95 1.29 -8.99
N ILE B 302 -23.50 1.44 -7.75
CA ILE B 302 -22.93 2.68 -7.29
C ILE B 302 -21.43 2.44 -7.04
N VAL B 303 -20.59 3.27 -7.62
CA VAL B 303 -19.13 3.08 -7.50
C VAL B 303 -18.58 4.30 -6.76
N ILE B 304 -17.81 4.03 -5.72
CA ILE B 304 -17.32 5.07 -4.83
C ILE B 304 -15.79 5.03 -4.88
N ILE B 305 -15.17 6.19 -5.14
CA ILE B 305 -13.71 6.25 -5.22
C ILE B 305 -13.16 6.29 -3.78
N VAL B 306 -12.19 5.42 -3.49
CA VAL B 306 -11.48 5.43 -2.21
C VAL B 306 -10.02 5.90 -2.42
N PRO B 307 -9.74 7.20 -2.20
CA PRO B 307 -8.44 7.75 -2.58
C PRO B 307 -7.19 7.29 -1.81
N SER B 308 -7.34 6.85 -0.58
CA SER B 308 -6.17 6.59 0.30
C SER B 308 -6.57 5.63 1.42
N CYS B 309 -5.54 5.13 2.13
CA CYS B 309 -5.68 4.15 3.21
C CYS B 309 -5.50 4.86 4.58
N GLY B 310 -6.22 4.38 5.59
CA GLY B 310 -6.07 4.87 6.98
C GLY B 310 -4.68 4.92 7.61
N GLU B 311 -3.74 4.08 7.15
CA GLU B 311 -2.37 4.09 7.73
C GLU B 311 -1.64 5.45 7.60
N ARG B 312 -2.01 6.22 6.59
CA ARG B 312 -1.43 7.54 6.39
C ARG B 312 -2.05 8.59 7.36
N TYR B 313 -2.97 8.15 8.23
CA TYR B 313 -3.74 9.03 9.14
C TYR B 313 -3.58 8.69 10.63
N LEU B 314 -2.57 7.88 10.95
CA LEU B 314 -2.40 7.40 12.33
C LEU B 314 -2.06 8.54 13.32
N SER B 315 -1.40 9.58 12.82
CA SER B 315 -1.05 10.75 13.65
C SER B 315 -2.21 11.73 13.82
N THR B 316 -3.30 11.49 13.09
CA THR B 316 -4.51 12.30 13.17
C THR B 316 -5.48 11.76 14.20
N ASP B 317 -6.67 12.39 14.27
CA ASP B 317 -7.75 12.02 15.19
C ASP B 317 -8.71 10.94 14.63
N LEU B 318 -8.45 10.51 13.39
CA LEU B 318 -9.32 9.52 12.72
C LEU B 318 -9.78 8.35 13.62
N TYR B 319 -8.82 7.65 14.23
CA TYR B 319 -9.17 6.48 15.07
C TYR B 319 -9.20 6.76 16.58
N LYS B 320 -9.11 8.04 16.94
CA LYS B 320 -9.13 8.44 18.36
C LYS B 320 -10.52 8.39 19.02
N ILE B 321 -11.55 8.81 18.29
CA ILE B 321 -12.90 8.78 18.86
C ILE B 321 -13.47 7.36 18.79
N LYS B 322 -13.96 6.86 19.93
CA LYS B 322 -14.66 5.58 19.96
C LYS B 322 -16.14 5.83 19.70
N ASP B 323 -16.77 4.93 18.94
CA ASP B 323 -18.20 5.04 18.65
C ASP B 323 -19.01 4.17 19.57
N GLU B 324 -20.14 4.72 20.00
CA GLU B 324 -21.09 4.02 20.84
C GLU B 324 -22.10 3.25 19.97
N GLY B 325 -22.48 2.07 20.44
CA GLY B 325 -23.61 1.37 19.86
C GLY B 325 -23.29 0.18 18.99
N THR B 326 -24.34 -0.46 18.51
CA THR B 326 -24.22 -1.62 17.61
C THR B 326 -24.01 -1.13 16.17
N LYS B 327 -23.72 -2.05 15.25
CA LYS B 327 -23.52 -1.68 13.86
C LYS B 327 -24.71 -0.89 13.34
N ILE B 328 -25.92 -1.45 13.48
CA ILE B 328 -27.13 -0.80 12.96
C ILE B 328 -27.37 0.59 13.59
N GLN B 329 -27.05 0.72 14.87
CA GLN B 329 -27.09 2.00 15.59
C GLN B 329 -26.15 3.03 14.96
N ILE B 330 -24.92 2.59 14.71
CA ILE B 330 -23.90 3.44 14.08
C ILE B 330 -24.31 3.88 12.66
N LEU B 331 -24.84 2.94 11.88
CA LEU B 331 -25.27 3.23 10.51
C LEU B 331 -26.51 4.15 10.50
N ASP B 332 -27.44 3.89 11.43
CA ASP B 332 -28.57 4.80 11.62
C ASP B 332 -28.09 6.20 11.95
N SER B 333 -27.12 6.35 12.85
CA SER B 333 -26.61 7.68 13.24
C SER B 333 -25.92 8.40 12.08
N LEU B 334 -25.30 7.64 11.19
CA LEU B 334 -24.65 8.24 10.00
C LEU B 334 -25.70 8.65 8.97
N LEU B 335 -26.73 7.82 8.77
CA LEU B 335 -27.73 8.07 7.73
C LEU B 335 -28.78 9.09 8.14
N ASN B 336 -28.93 9.35 9.43
CA ASN B 336 -29.95 10.29 9.91
C ASN B 336 -29.37 11.67 10.22
#